data_6LC5
#
_entry.id   6LC5
#
_cell.length_a   100.774
_cell.length_b   100.774
_cell.length_c   180.169
_cell.angle_alpha   90.000
_cell.angle_beta   90.000
_cell.angle_gamma   90.000
#
_symmetry.space_group_name_H-M   'P 43 21 2'
#
loop_
_entity.id
_entity.type
_entity.pdbx_description
1 polymer 'Beta-D-glucan exohydrolase isoenzyme ExoI'
2 non-polymer (2~{R},3~{S},4~{S},5~{R},6~{R})-6-(hydroxymethyl)-4-[(2~{S},3~{R},4~{S},5~{S},6~{R})-6-(hydroxymethyl)-3,4,5-tris(oxidanyl)oxan-2-yl]sulfanyl-oxane-2,3,5-triol
3 non-polymer 'PENTAETHYLENE GLYCOL'
4 non-polymer GLYCEROL
5 non-polymer 'SULFATE ION'
6 non-polymer '4-(2-HYDROXYETHYL)-1-PIPERAZINE ETHANESULFONIC ACID'
7 non-polymer 'ACETATE ION'
8 water water
#
_entity_poly.entity_id   1
_entity_poly.type   'polypeptide(L)'
_entity_poly.pdbx_seq_one_letter_code
;HHAADYVLYKDATKPVEDRVADLLGRMTLAEKIGQMTQIERLVATPDVLRDNFIGSLLSGGGSVPRKGATAKEWQDMVDG
FQKACMSTRLGIPMIYGIDAVHGQNNVYGATIFPHNVGLGATRDPYLVKRIGEATALEVRATGIQYAFAPCIAVCRDPRW
GRCYESYSEDRRIVQSMTELIPGLQGDVPKDFTSGMPFVAGKNKVAACAKHFVGDGGTVDGINENNTIINREGLMNIHMP
AYKNAMDKGVSTVMISYSSWNGVKMHANQDLVTGYLKDTLKFKGFVISDWEGIDRITTPAGSDYSYSVKASILAGLDMIM
VPNKYQQFISILTGHVNGGVIPMSRIDDAVTRILRVKFTMGLFENPYADPAMAEQLGKQEHRDLAREAARKSLVLLKNGK
TSTDAPLLPLPKKAPKILVAGSHADNLGYQCGGWTIEFQGDTGRTTVGTTILEAVKAAVDPSTVVVFAENPDAEFVKSGG
FSYAIVAVGEHPYTETKGDNLNLTIPEPGLSTVQAVCGGVRCATVLISGRPVVVQPLLAASDALVAAWLPGSEGQGVTDA
LFGDFGFTGRLPRTWFKSVDQLPMNVGDAHYDPLFRLGYGLTTNATKKY
;
_entity_poly.pdbx_strand_id   A
#
loop_
_chem_comp.id
_chem_comp.type
_chem_comp.name
_chem_comp.formula
1PE non-polymer 'PENTAETHYLENE GLYCOL' 'C10 H22 O6'
6BV non-polymer (2~{R},3~{S},4~{S},5~{R},6~{R})-6-(hydroxymethyl)-4-[(2~{S},3~{R},4~{S},5~{S},6~{R})-6-(hydroxymethyl)-3,4,5-tris(oxidanyl)oxan-2-yl]sulfanyl-oxane-2,3,5-triol 'C12 H22 O10 S'
ACT non-polymer 'ACETATE ION' 'C2 H3 O2 -1'
EPE non-polymer '4-(2-HYDROXYETHYL)-1-PIPERAZINE ETHANESULFONIC ACID' 'C8 H18 N2 O4 S'
GOL non-polymer GLYCEROL 'C3 H8 O3'
SO4 non-polymer 'SULFATE ION' 'O4 S -2'
#
# COMPACT_ATOMS: atom_id res chain seq x y z
N ALA A 4 -9.48 23.33 -39.96
CA ALA A 4 -10.95 23.16 -40.28
C ALA A 4 -11.77 22.49 -39.15
N ASP A 5 -11.30 21.30 -38.69
CA ASP A 5 -11.95 20.42 -37.72
C ASP A 5 -11.30 20.50 -36.29
N TYR A 6 -10.86 21.70 -35.93
CA TYR A 6 -10.23 21.96 -34.63
C TYR A 6 -11.22 21.76 -33.46
N VAL A 7 -10.77 21.18 -32.35
CA VAL A 7 -11.60 21.00 -31.18
C VAL A 7 -10.65 21.38 -30.05
N LEU A 8 -10.99 22.41 -29.30
CA LEU A 8 -10.09 22.97 -28.30
C LEU A 8 -9.61 21.91 -27.29
N TYR A 9 -10.52 21.04 -26.83
CA TYR A 9 -10.04 20.06 -25.81
C TYR A 9 -9.00 19.09 -26.29
N LYS A 10 -8.92 18.84 -27.59
CA LYS A 10 -7.92 17.99 -28.14
C LYS A 10 -6.61 18.73 -28.43
N ASP A 11 -6.54 20.00 -28.10
CA ASP A 11 -5.29 20.81 -28.32
C ASP A 11 -4.40 20.84 -27.12
N ALA A 12 -3.35 20.09 -27.24
CA ALA A 12 -2.35 19.86 -26.17
C ALA A 12 -1.67 21.12 -25.71
N THR A 13 -1.75 22.20 -26.49
CA THR A 13 -1.07 23.45 -26.10
C THR A 13 -1.98 24.30 -25.23
N LYS A 14 -3.25 23.94 -25.09
CA LYS A 14 -4.18 24.79 -24.35
C LYS A 14 -4.12 24.52 -22.84
N PRO A 15 -4.46 25.50 -22.03
CA PRO A 15 -4.47 25.32 -20.58
C PRO A 15 -5.49 24.24 -20.15
N VAL A 16 -5.10 23.45 -19.15
CA VAL A 16 -6.00 22.40 -18.66
C VAL A 16 -7.38 22.88 -18.39
N GLU A 17 -7.56 23.99 -17.66
CA GLU A 17 -8.92 24.38 -17.31
C GLU A 17 -9.74 24.70 -18.53
N ASP A 18 -9.09 25.23 -19.56
CA ASP A 18 -9.81 25.52 -20.81
C ASP A 18 -10.24 24.24 -21.50
N ARG A 19 -9.31 23.27 -21.55
CA ARG A 19 -9.63 21.95 -22.12
C ARG A 19 -10.78 21.23 -21.38
N VAL A 20 -10.71 21.26 -20.06
CA VAL A 20 -11.80 20.72 -19.28
C VAL A 20 -13.13 21.35 -19.63
N ALA A 21 -13.21 22.68 -19.56
CA ALA A 21 -14.46 23.34 -19.81
C ALA A 21 -14.98 23.08 -21.24
N ASP A 22 -14.05 23.06 -22.21
CA ASP A 22 -14.45 22.86 -23.61
C ASP A 22 -15.05 21.46 -23.79
N LEU A 23 -14.45 20.47 -23.14
CA LEU A 23 -14.93 19.12 -23.23
C LEU A 23 -16.25 18.94 -22.44
N LEU A 24 -16.31 19.43 -21.21
CA LEU A 24 -17.50 19.33 -20.36
C LEU A 24 -18.73 19.83 -21.14
N GLY A 25 -18.52 20.97 -21.77
CA GLY A 25 -19.60 21.67 -22.46
C GLY A 25 -20.19 20.89 -23.63
N ARG A 26 -19.48 19.89 -24.13
CA ARG A 26 -19.91 19.01 -25.22
C ARG A 26 -20.56 17.76 -24.80
N MET A 27 -20.52 17.43 -23.50
CA MET A 27 -20.85 16.06 -23.09
C MET A 27 -22.36 15.91 -22.87
N THR A 28 -22.88 14.74 -23.21
CA THR A 28 -24.24 14.29 -22.80
C THR A 28 -24.24 13.85 -21.37
N LEU A 29 -25.43 13.72 -20.82
CA LEU A 29 -25.44 13.13 -19.46
C LEU A 29 -24.90 11.73 -19.39
N ALA A 30 -25.19 10.89 -20.38
CA ALA A 30 -24.61 9.57 -20.37
C ALA A 30 -23.09 9.65 -20.38
N GLU A 31 -22.54 10.59 -21.16
CA GLU A 31 -21.04 10.72 -21.25
C GLU A 31 -20.47 11.18 -19.91
N LYS A 32 -21.21 12.05 -19.24
CA LYS A 32 -20.83 12.56 -17.93
C LYS A 32 -20.85 11.49 -16.86
N ILE A 33 -21.96 10.79 -16.76
CA ILE A 33 -22.05 9.72 -15.77
C ILE A 33 -21.07 8.56 -16.08
N GLY A 34 -20.77 8.31 -17.36
CA GLY A 34 -19.76 7.33 -17.69
C GLY A 34 -18.43 7.69 -17.11
N GLN A 35 -18.04 8.95 -17.17
CA GLN A 35 -16.74 9.40 -16.60
C GLN A 35 -16.65 9.04 -15.12
N MET A 36 -17.78 9.16 -14.38
CA MET A 36 -17.87 8.95 -12.99
C MET A 36 -17.90 7.48 -12.61
N THR A 37 -17.90 6.59 -13.58
CA THR A 37 -18.04 5.14 -13.33
C THR A 37 -16.69 4.43 -13.54
N GLN A 38 -16.21 3.76 -12.50
CA GLN A 38 -15.06 2.90 -12.56
C GLN A 38 -15.49 1.44 -12.43
N ILE A 39 -15.05 0.61 -13.37
CA ILE A 39 -15.43 -0.83 -13.43
C ILE A 39 -14.26 -1.75 -13.41
N GLU A 40 -14.47 -2.95 -12.85
CA GLU A 40 -13.44 -3.97 -12.84
C GLU A 40 -13.13 -4.46 -14.23
N ARG A 41 -11.85 -4.68 -14.51
CA ARG A 41 -11.56 -5.34 -15.80
C ARG A 41 -12.36 -6.61 -16.02
N LEU A 42 -12.68 -7.39 -14.99
CA LEU A 42 -13.40 -8.63 -15.19
C LEU A 42 -14.79 -8.46 -15.76
N VAL A 43 -15.38 -7.25 -15.70
CA VAL A 43 -16.70 -6.98 -16.28
C VAL A 43 -16.60 -6.14 -17.53
N ALA A 44 -15.39 -5.80 -17.95
CA ALA A 44 -15.18 -4.84 -19.06
C ALA A 44 -15.11 -5.64 -20.36
N THR A 45 -15.72 -5.09 -21.39
CA THR A 45 -15.50 -5.52 -22.80
C THR A 45 -15.43 -4.26 -23.60
N PRO A 46 -14.97 -4.36 -24.85
CA PRO A 46 -15.00 -3.14 -25.66
C PRO A 46 -16.35 -2.52 -25.84
N ASP A 47 -17.42 -3.28 -26.07
CA ASP A 47 -18.75 -2.72 -26.19
C ASP A 47 -19.26 -2.05 -24.88
N VAL A 48 -18.97 -2.65 -23.72
CA VAL A 48 -19.37 -2.04 -22.47
C VAL A 48 -18.74 -0.69 -22.33
N LEU A 49 -17.43 -0.67 -22.61
CA LEU A 49 -16.66 0.54 -22.38
C LEU A 49 -17.09 1.67 -23.29
N ARG A 50 -17.36 1.33 -24.55
CA ARG A 50 -17.84 2.29 -25.54
C ARG A 50 -19.27 2.72 -25.32
N ASP A 51 -20.15 1.73 -25.17
CA ASP A 51 -21.58 2.01 -25.08
C ASP A 51 -21.92 2.85 -23.88
N ASN A 52 -21.21 2.64 -22.76
CA ASN A 52 -21.42 3.33 -21.51
C ASN A 52 -20.45 4.46 -21.20
N PHE A 53 -19.56 4.78 -22.16
CA PHE A 53 -18.66 5.91 -22.04
C PHE A 53 -17.91 5.84 -20.70
N ILE A 54 -17.42 4.63 -20.38
CA ILE A 54 -16.76 4.40 -19.11
C ILE A 54 -15.49 5.26 -18.91
N GLY A 55 -15.33 5.81 -17.70
CA GLY A 55 -14.26 6.68 -17.33
C GLY A 55 -12.99 6.04 -16.83
N SER A 56 -13.12 4.87 -16.24
CA SER A 56 -11.99 4.27 -15.51
C SER A 56 -12.22 2.77 -15.37
N LEU A 57 -11.13 2.03 -15.26
CA LEU A 57 -11.12 0.62 -15.02
C LEU A 57 -10.15 0.43 -13.82
N LEU A 58 -10.33 -0.67 -13.12
CA LEU A 58 -9.34 -1.15 -12.14
C LEU A 58 -9.12 -2.62 -12.21
N SER A 59 -7.96 -3.04 -11.70
CA SER A 59 -7.74 -4.38 -11.16
C SER A 59 -7.86 -4.34 -9.65
N GLY A 60 -8.83 -5.00 -9.11
CA GLY A 60 -8.86 -5.28 -7.67
C GLY A 60 -7.66 -6.24 -7.39
N GLY A 61 -7.44 -6.50 -6.11
CA GLY A 61 -6.41 -7.44 -5.72
C GLY A 61 -6.62 -8.82 -6.40
N GLY A 62 -5.60 -9.25 -7.09
CA GLY A 62 -5.57 -10.54 -7.79
C GLY A 62 -6.21 -10.57 -9.13
N SER A 63 -6.66 -9.38 -9.57
CA SER A 63 -7.37 -9.31 -10.89
C SER A 63 -6.35 -9.09 -12.03
N VAL A 64 -5.88 -10.17 -12.58
CA VAL A 64 -4.78 -10.15 -13.52
C VAL A 64 -5.18 -10.86 -14.83
N PRO A 65 -4.53 -10.50 -15.89
CA PRO A 65 -5.03 -11.12 -17.17
C PRO A 65 -4.70 -12.62 -17.27
N ARG A 66 -3.60 -13.03 -16.67
CA ARG A 66 -3.33 -14.45 -16.43
C ARG A 66 -2.23 -14.54 -15.36
N LYS A 67 -2.13 -15.76 -14.85
CA LYS A 67 -1.13 -16.12 -13.89
C LYS A 67 0.16 -16.02 -14.73
N GLY A 68 1.10 -15.32 -14.21
CA GLY A 68 2.43 -15.19 -14.88
C GLY A 68 2.54 -14.19 -15.97
N ALA A 69 1.50 -13.37 -16.18
CA ALA A 69 1.49 -12.44 -17.33
C ALA A 69 2.68 -11.54 -17.32
N THR A 70 3.25 -11.34 -18.47
CA THR A 70 4.40 -10.43 -18.68
C THR A 70 3.96 -8.96 -18.63
N ALA A 71 4.92 -8.04 -18.55
CA ALA A 71 4.58 -6.62 -18.65
C ALA A 71 3.88 -6.28 -19.96
N LYS A 72 4.38 -6.84 -21.10
CA LYS A 72 3.68 -6.61 -22.36
C LYS A 72 2.28 -7.14 -22.37
N GLU A 73 1.99 -8.26 -21.74
CA GLU A 73 0.62 -8.78 -21.67
C GLU A 73 -0.27 -7.79 -20.95
N TRP A 74 0.23 -7.22 -19.86
CA TRP A 74 -0.53 -6.17 -19.13
C TRP A 74 -0.75 -4.97 -20.02
N GLN A 75 0.27 -4.54 -20.74
CA GLN A 75 0.16 -3.39 -21.62
C GLN A 75 -0.87 -3.68 -22.70
N ASP A 76 -0.85 -4.85 -23.27
CA ASP A 76 -1.82 -5.18 -24.34
C ASP A 76 -3.27 -5.18 -23.81
N MET A 77 -3.48 -5.73 -22.62
CA MET A 77 -4.79 -5.66 -21.93
C MET A 77 -5.24 -4.21 -21.79
N VAL A 78 -4.43 -3.37 -21.18
CA VAL A 78 -4.82 -2.01 -20.89
C VAL A 78 -5.07 -1.27 -22.22
N ASP A 79 -4.16 -1.42 -23.17
CA ASP A 79 -4.38 -0.81 -24.48
C ASP A 79 -5.67 -1.26 -25.18
N GLY A 80 -6.02 -2.54 -25.12
CA GLY A 80 -7.28 -3.01 -25.71
C GLY A 80 -8.47 -2.29 -25.14
N PHE A 81 -8.46 -2.09 -23.83
CA PHE A 81 -9.50 -1.31 -23.13
C PHE A 81 -9.46 0.13 -23.59
N GLN A 82 -8.27 0.70 -23.74
CA GLN A 82 -8.13 2.11 -24.09
C GLN A 82 -8.65 2.32 -25.53
N LYS A 83 -8.34 1.39 -26.40
CA LYS A 83 -8.74 1.56 -27.82
C LYS A 83 -10.30 1.68 -27.92
N ALA A 84 -11.00 0.92 -27.10
CA ALA A 84 -12.47 0.97 -27.02
C ALA A 84 -12.91 2.38 -26.56
N CYS A 85 -12.28 2.88 -25.48
CA CYS A 85 -12.60 4.15 -24.93
C CYS A 85 -12.30 5.27 -25.95
N MET A 86 -11.19 5.18 -26.69
CA MET A 86 -10.76 6.22 -27.60
C MET A 86 -11.68 6.28 -28.87
N SER A 87 -12.41 5.25 -29.04
CA SER A 87 -13.37 5.08 -30.15
C SER A 87 -14.72 5.66 -29.86
N THR A 88 -15.01 6.12 -28.66
CA THR A 88 -16.22 6.88 -28.44
C THR A 88 -16.25 8.20 -29.23
N ARG A 89 -17.46 8.76 -29.26
CA ARG A 89 -17.72 10.02 -29.93
C ARG A 89 -16.69 11.07 -29.53
N LEU A 90 -16.40 11.20 -28.23
CA LEU A 90 -15.55 12.27 -27.73
C LEU A 90 -14.11 11.75 -27.54
N GLY A 91 -13.92 10.45 -27.52
CA GLY A 91 -12.54 9.89 -27.43
C GLY A 91 -11.84 10.17 -26.13
N ILE A 92 -12.61 10.09 -25.04
CA ILE A 92 -12.03 10.41 -23.72
C ILE A 92 -11.31 9.16 -23.18
N PRO A 93 -10.00 9.25 -22.97
CA PRO A 93 -9.27 8.07 -22.52
C PRO A 93 -9.70 7.69 -21.11
N MET A 94 -9.78 6.39 -20.87
CA MET A 94 -9.94 5.92 -19.51
C MET A 94 -8.63 5.94 -18.73
N ILE A 95 -8.74 6.07 -17.42
CA ILE A 95 -7.62 5.91 -16.50
C ILE A 95 -7.76 4.50 -15.84
N TYR A 96 -6.65 3.78 -15.76
CA TYR A 96 -6.66 2.41 -15.17
C TYR A 96 -5.95 2.48 -13.86
N GLY A 97 -6.62 2.05 -12.80
CA GLY A 97 -6.06 2.06 -11.45
C GLY A 97 -5.73 0.67 -10.91
N ILE A 98 -4.83 0.58 -9.94
CA ILE A 98 -4.45 -0.70 -9.33
C ILE A 98 -3.82 -0.39 -7.95
N ASP A 99 -3.89 -1.36 -7.03
CA ASP A 99 -3.20 -1.27 -5.76
C ASP A 99 -1.71 -1.60 -5.97
N ALA A 100 -0.96 -0.59 -6.36
CA ALA A 100 0.51 -0.67 -6.34
C ALA A 100 0.92 0.00 -5.02
N VAL A 101 0.87 -0.81 -3.94
CA VAL A 101 1.01 -0.32 -2.57
C VAL A 101 2.39 -0.71 -1.95
N HIS A 102 3.16 -1.64 -2.52
CA HIS A 102 4.53 -1.89 -2.12
C HIS A 102 5.30 -2.40 -3.31
N GLY A 103 5.40 -1.56 -4.34
CA GLY A 103 5.68 -1.93 -5.67
C GLY A 103 4.41 -2.21 -6.43
N GLN A 104 4.58 -2.65 -7.66
CA GLN A 104 3.45 -3.01 -8.57
C GLN A 104 3.08 -4.46 -8.25
N ASN A 105 2.52 -4.66 -7.04
CA ASN A 105 2.54 -5.94 -6.33
C ASN A 105 1.61 -7.05 -6.85
N ASN A 106 0.62 -6.66 -7.74
CA ASN A 106 -0.22 -7.73 -8.34
C ASN A 106 0.50 -8.46 -9.47
N VAL A 107 1.64 -7.94 -9.93
CA VAL A 107 2.26 -8.36 -11.19
C VAL A 107 3.46 -9.26 -10.94
N TYR A 108 3.45 -10.39 -11.65
CA TYR A 108 4.52 -11.40 -11.59
C TYR A 108 5.79 -10.72 -11.98
N GLY A 109 6.83 -10.88 -11.16
CA GLY A 109 8.13 -10.33 -11.49
C GLY A 109 8.34 -8.85 -11.12
N ALA A 110 7.34 -8.21 -10.51
CA ALA A 110 7.45 -6.81 -10.04
C ALA A 110 8.33 -6.82 -8.80
N THR A 111 9.13 -5.76 -8.65
CA THR A 111 9.83 -5.58 -7.36
C THR A 111 8.81 -5.43 -6.27
N ILE A 112 9.01 -6.15 -5.15
CA ILE A 112 8.13 -5.97 -3.99
C ILE A 112 8.88 -5.27 -2.90
N PHE A 113 8.48 -4.06 -2.61
CA PHE A 113 9.09 -3.23 -1.53
C PHE A 113 8.57 -3.65 -0.15
N PRO A 114 9.29 -3.34 0.93
CA PRO A 114 8.72 -3.46 2.26
C PRO A 114 7.36 -2.80 2.38
N HIS A 115 6.45 -3.40 3.16
CA HIS A 115 5.24 -2.71 3.49
C HIS A 115 5.48 -1.43 4.34
N ASN A 116 4.48 -0.60 4.41
CA ASN A 116 4.60 0.74 5.02
C ASN A 116 5.08 0.79 6.46
N VAL A 117 4.69 -0.18 7.30
CA VAL A 117 5.14 -0.17 8.71
C VAL A 117 6.68 -0.21 8.71
N GLY A 118 7.32 -1.08 7.92
CA GLY A 118 8.80 -1.13 7.81
C GLY A 118 9.37 0.12 7.24
N LEU A 119 8.69 0.73 6.26
CA LEU A 119 9.17 2.00 5.77
C LEU A 119 9.14 3.12 6.85
N GLY A 120 8.15 3.08 7.73
CA GLY A 120 8.13 3.99 8.85
C GLY A 120 9.33 3.77 9.72
N ALA A 121 9.73 2.53 9.92
CA ALA A 121 10.94 2.26 10.75
C ALA A 121 12.21 2.87 10.22
N THR A 122 12.28 3.12 8.89
CA THR A 122 13.45 3.66 8.28
C THR A 122 13.69 5.14 8.64
N ARG A 123 12.62 5.84 8.99
CA ARG A 123 12.57 7.24 9.22
C ARG A 123 13.29 7.99 8.06
N ASP A 124 13.11 7.53 6.81
CA ASP A 124 13.87 8.02 5.66
C ASP A 124 12.85 8.45 4.57
N PRO A 125 12.33 9.69 4.60
CA PRO A 125 11.36 10.11 3.59
C PRO A 125 11.92 10.17 2.22
N TYR A 126 13.20 10.40 2.07
CA TYR A 126 13.80 10.38 0.71
C TYR A 126 13.85 8.98 0.08
N LEU A 127 14.15 7.99 0.91
CA LEU A 127 14.03 6.59 0.48
C LEU A 127 12.65 6.34 -0.03
N VAL A 128 11.66 6.77 0.73
CA VAL A 128 10.25 6.49 0.33
C VAL A 128 9.93 7.22 -0.95
N LYS A 129 10.42 8.46 -1.13
CA LYS A 129 10.26 9.13 -2.42
C LYS A 129 10.81 8.29 -3.53
N ARG A 130 12.05 7.77 -3.37
CA ARG A 130 12.66 7.00 -4.40
C ARG A 130 11.89 5.73 -4.70
N ILE A 131 11.28 5.14 -3.65
CA ILE A 131 10.41 3.98 -3.85
C ILE A 131 9.19 4.38 -4.67
N GLY A 132 8.65 5.57 -4.43
CA GLY A 132 7.55 6.03 -5.23
C GLY A 132 7.96 6.19 -6.70
N GLU A 133 9.16 6.70 -6.93
CA GLU A 133 9.65 6.80 -8.28
C GLU A 133 9.81 5.47 -9.02
N ALA A 134 10.43 4.51 -8.38
CA ALA A 134 10.57 3.16 -8.88
C ALA A 134 9.20 2.48 -9.14
N THR A 135 8.27 2.66 -8.19
CA THR A 135 6.89 2.08 -8.27
C THR A 135 6.19 2.66 -9.50
N ALA A 136 6.27 3.96 -9.71
CA ALA A 136 5.61 4.52 -10.91
C ALA A 136 6.15 3.92 -12.17
N LEU A 137 7.48 3.70 -12.25
CA LEU A 137 8.05 3.11 -13.47
C LEU A 137 7.52 1.71 -13.66
N GLU A 138 7.43 0.90 -12.58
CA GLU A 138 6.99 -0.45 -12.69
C GLU A 138 5.51 -0.56 -13.04
N VAL A 139 4.74 0.41 -12.53
CA VAL A 139 3.27 0.50 -12.86
C VAL A 139 3.13 0.88 -14.36
N ARG A 140 3.85 1.88 -14.79
CA ARG A 140 3.88 2.25 -16.23
C ARG A 140 4.43 1.19 -17.14
N ALA A 141 5.30 0.30 -16.62
CA ALA A 141 5.74 -0.87 -17.34
C ALA A 141 4.64 -1.74 -17.80
N THR A 142 3.55 -1.71 -17.05
CA THR A 142 2.40 -2.61 -17.26
C THR A 142 1.27 -1.82 -17.89
N GLY A 143 1.55 -0.59 -18.31
CA GLY A 143 0.59 0.30 -19.00
C GLY A 143 -0.44 0.99 -18.13
N ILE A 144 -0.30 0.91 -16.81
CA ILE A 144 -1.30 1.40 -15.84
C ILE A 144 -0.85 2.82 -15.42
N GLN A 145 -1.82 3.71 -15.26
CA GLN A 145 -1.53 5.12 -15.05
C GLN A 145 -1.84 5.65 -13.65
N TYR A 146 -2.31 4.79 -12.75
CA TYR A 146 -2.93 5.24 -11.53
C TYR A 146 -2.75 4.21 -10.44
N ALA A 147 -2.15 4.60 -9.35
CA ALA A 147 -1.91 3.74 -8.18
C ALA A 147 -2.69 4.20 -6.99
N PHE A 148 -3.37 3.27 -6.37
CA PHE A 148 -4.19 3.53 -5.18
C PHE A 148 -3.29 3.58 -3.91
N ALA A 149 -2.41 4.56 -3.87
CA ALA A 149 -1.40 4.76 -2.78
C ALA A 149 -1.00 6.17 -2.78
N PRO A 150 -0.58 6.68 -1.63
CA PRO A 150 -0.35 5.97 -0.35
C PRO A 150 -1.53 5.80 0.56
N CYS A 151 -1.53 4.70 1.31
CA CYS A 151 -2.36 4.68 2.47
C CYS A 151 -1.66 5.48 3.57
N ILE A 152 -2.37 6.55 3.97
CA ILE A 152 -1.92 7.46 5.05
C ILE A 152 -2.72 7.31 6.27
N ALA A 153 -3.26 6.13 6.50
CA ALA A 153 -3.85 5.74 7.77
C ALA A 153 -2.81 5.86 8.88
N VAL A 154 -3.32 6.31 10.03
CA VAL A 154 -2.48 6.38 11.28
C VAL A 154 -3.02 5.31 12.14
N CYS A 155 -2.49 4.11 12.08
CA CYS A 155 -3.10 2.97 12.71
C CYS A 155 -2.86 3.09 14.25
N ARG A 156 -3.97 3.07 14.96
CA ARG A 156 -3.97 3.29 16.42
C ARG A 156 -4.13 2.04 17.23
N ASP A 157 -4.21 0.87 16.62
CA ASP A 157 -4.29 -0.39 17.27
C ASP A 157 -3.79 -1.46 16.35
N PRO A 158 -2.72 -2.15 16.74
CA PRO A 158 -2.11 -3.15 15.86
C PRO A 158 -2.94 -4.39 15.61
N ARG A 159 -4.11 -4.56 16.27
CA ARG A 159 -4.98 -5.70 15.94
C ARG A 159 -5.64 -5.46 14.57
N TRP A 160 -5.63 -4.24 14.09
CA TRP A 160 -6.19 -3.95 12.79
C TRP A 160 -5.43 -4.80 11.75
N GLY A 161 -6.18 -5.44 10.88
CA GLY A 161 -5.57 -6.28 9.85
C GLY A 161 -4.92 -5.50 8.69
N ARG A 162 -5.02 -4.20 8.69
CA ARG A 162 -4.28 -3.36 7.76
C ARG A 162 -3.22 -2.49 8.39
N CYS A 163 -2.84 -2.80 9.62
CA CYS A 163 -1.91 -1.94 10.35
C CYS A 163 -0.53 -1.88 9.61
N TYR A 164 -0.17 -2.94 8.95
CA TYR A 164 1.07 -2.93 8.16
C TYR A 164 1.06 -1.94 7.02
N GLU A 165 -0.11 -1.49 6.57
CA GLU A 165 -0.21 -0.45 5.56
C GLU A 165 -0.14 0.94 6.09
N SER A 166 0.07 1.11 7.40
CA SER A 166 0.25 2.44 8.01
C SER A 166 1.76 2.61 8.35
N TYR A 167 2.34 3.77 8.02
CA TYR A 167 3.74 3.98 8.28
C TYR A 167 4.01 4.01 9.79
N SER A 168 3.00 4.38 10.57
CA SER A 168 3.23 4.63 11.97
C SER A 168 1.97 4.97 12.75
N GLU A 169 2.00 4.74 14.08
CA GLU A 169 0.97 5.26 15.01
C GLU A 169 1.18 6.75 15.27
N ASP A 170 2.32 7.24 14.88
CA ASP A 170 2.68 8.64 15.08
C ASP A 170 2.41 9.37 13.78
N ARG A 171 1.42 10.26 13.78
CA ARG A 171 1.04 10.98 12.53
C ARG A 171 2.13 11.80 11.99
N ARG A 172 3.15 12.22 12.80
CA ARG A 172 4.25 12.98 12.19
C ARG A 172 5.07 12.14 11.20
N ILE A 173 5.25 10.85 11.51
CA ILE A 173 6.01 10.00 10.62
C ILE A 173 5.17 9.76 9.34
N VAL A 174 3.88 9.59 9.52
CA VAL A 174 2.94 9.47 8.35
C VAL A 174 3.03 10.67 7.47
N GLN A 175 2.99 11.83 8.11
CA GLN A 175 3.14 13.09 7.33
C GLN A 175 4.43 13.13 6.57
N SER A 176 5.51 12.71 7.19
CA SER A 176 6.77 12.77 6.48
C SER A 176 6.82 11.78 5.29
N MET A 177 6.10 10.68 5.41
CA MET A 177 6.19 9.68 4.35
C MET A 177 5.21 9.95 3.21
N THR A 178 4.45 11.03 3.28
CA THR A 178 3.71 11.57 2.12
C THR A 178 4.64 11.94 0.96
N GLU A 179 5.94 11.92 1.19
CA GLU A 179 6.92 12.03 0.11
C GLU A 179 6.81 10.91 -0.92
N LEU A 180 6.09 9.84 -0.61
CA LEU A 180 5.78 8.82 -1.70
C LEU A 180 5.11 9.55 -2.86
N ILE A 181 4.20 10.47 -2.54
CA ILE A 181 3.33 11.17 -3.55
C ILE A 181 4.15 11.79 -4.67
N PRO A 182 5.09 12.72 -4.36
CA PRO A 182 5.90 13.27 -5.46
C PRO A 182 6.88 12.29 -6.12
N GLY A 183 7.19 11.16 -5.43
CA GLY A 183 7.85 10.05 -6.10
C GLY A 183 7.03 9.42 -7.19
N LEU A 184 5.78 9.09 -6.85
CA LEU A 184 4.85 8.48 -7.82
C LEU A 184 4.47 9.40 -8.93
N GLN A 185 4.30 10.68 -8.59
CA GLN A 185 3.66 11.65 -9.52
C GLN A 185 4.59 12.66 -10.16
N GLY A 186 5.78 12.79 -9.59
CA GLY A 186 6.68 13.94 -9.90
C GLY A 186 6.53 15.09 -8.91
N ASP A 187 7.59 15.86 -8.80
CA ASP A 187 7.62 17.03 -7.98
C ASP A 187 6.82 18.12 -8.59
N VAL A 188 6.09 18.80 -7.71
CA VAL A 188 5.19 19.87 -8.15
C VAL A 188 6.05 21.10 -8.50
N PRO A 189 5.55 21.94 -9.45
CA PRO A 189 6.19 23.21 -9.81
C PRO A 189 6.42 24.14 -8.61
N LYS A 190 7.32 25.11 -8.74
CA LYS A 190 7.72 25.99 -7.59
C LYS A 190 6.54 26.81 -6.99
N ASP A 191 5.68 27.23 -7.87
CA ASP A 191 4.60 28.16 -7.54
C ASP A 191 3.30 27.39 -7.33
N PHE A 192 3.37 26.17 -6.85
CA PHE A 192 2.21 25.27 -6.97
C PHE A 192 1.14 25.67 -5.96
N THR A 193 -0.13 25.58 -6.31
CA THR A 193 -1.19 25.83 -5.35
C THR A 193 -1.64 24.55 -4.63
N SER A 194 -1.52 24.49 -3.29
CA SER A 194 -1.91 23.32 -2.48
C SER A 194 -3.34 22.91 -2.86
N GLY A 195 -3.54 21.62 -3.11
CA GLY A 195 -4.84 21.06 -3.41
C GLY A 195 -5.05 20.79 -4.89
N MET A 196 -4.24 21.39 -5.75
CA MET A 196 -4.31 21.09 -7.16
C MET A 196 -3.73 19.69 -7.42
N PRO A 197 -4.29 18.98 -8.39
CA PRO A 197 -3.69 17.71 -8.75
C PRO A 197 -2.48 17.92 -9.63
N PHE A 198 -1.53 17.00 -9.56
CA PHE A 198 -0.32 17.04 -10.40
C PHE A 198 0.16 15.64 -10.79
N VAL A 199 0.48 15.43 -12.05
CA VAL A 199 1.29 14.28 -12.47
C VAL A 199 2.20 14.80 -13.58
N ALA A 200 3.49 14.48 -13.54
CA ALA A 200 4.45 15.08 -14.47
C ALA A 200 4.35 14.65 -15.89
N GLY A 201 3.86 13.47 -16.15
CA GLY A 201 3.75 12.99 -17.48
C GLY A 201 3.83 11.49 -17.52
N LYS A 202 4.19 10.95 -18.70
CA LYS A 202 3.95 9.52 -18.97
C LYS A 202 4.83 8.52 -18.21
N ASN A 203 5.86 8.96 -17.52
CA ASN A 203 6.68 8.09 -16.75
C ASN A 203 6.28 8.15 -15.26
N LYS A 204 5.22 8.83 -14.95
CA LYS A 204 4.70 8.96 -13.56
C LYS A 204 3.20 8.51 -13.56
N VAL A 205 2.66 8.30 -12.38
CA VAL A 205 1.31 7.85 -12.21
C VAL A 205 0.55 8.80 -11.32
N ALA A 206 -0.76 8.86 -11.51
CA ALA A 206 -1.55 9.49 -10.52
C ALA A 206 -1.54 8.68 -9.21
N ALA A 207 -1.54 9.40 -8.08
CA ALA A 207 -1.56 8.83 -6.75
C ALA A 207 -2.94 9.00 -6.10
N CYS A 208 -3.05 8.44 -4.91
CA CYS A 208 -4.29 8.36 -4.19
C CYS A 208 -4.02 8.35 -2.69
N ALA A 209 -4.35 9.46 -2.00
CA ALA A 209 -4.26 9.41 -0.54
C ALA A 209 -5.45 8.71 -0.02
N LYS A 210 -5.28 7.71 0.80
CA LYS A 210 -6.40 6.92 1.25
C LYS A 210 -6.21 6.44 2.68
N HIS A 211 -7.27 6.10 3.41
CA HIS A 211 -8.69 6.20 3.08
C HIS A 211 -9.27 7.27 3.93
N PHE A 212 -9.86 8.30 3.31
CA PHE A 212 -10.24 9.56 4.03
C PHE A 212 -11.55 9.24 4.80
N VAL A 213 -11.66 9.46 6.12
CA VAL A 213 -10.55 9.88 7.01
C VAL A 213 -10.81 9.12 8.29
N GLY A 214 -9.72 8.82 8.96
CA GLY A 214 -9.77 8.09 10.22
C GLY A 214 -9.90 6.62 10.09
N ASP A 215 -9.40 6.05 8.97
CA ASP A 215 -9.41 4.60 8.80
C ASP A 215 -8.60 3.89 9.84
N GLY A 216 -7.54 4.49 10.31
CA GLY A 216 -6.66 3.95 11.34
C GLY A 216 -7.18 4.12 12.75
N GLY A 217 -8.35 4.66 12.91
CA GLY A 217 -8.87 4.93 14.31
C GLY A 217 -9.49 3.77 14.99
N THR A 218 -9.56 3.85 16.34
CA THR A 218 -10.09 2.72 17.15
C THR A 218 -11.59 2.59 16.82
N VAL A 219 -12.23 1.41 16.97
CA VAL A 219 -12.00 0.33 18.03
C VAL A 219 -11.58 -1.22 17.70
N ASP A 220 -10.51 -1.77 18.34
CA ASP A 220 -10.14 -3.31 18.58
C ASP A 220 -9.86 -4.40 17.45
N GLY A 221 -9.01 -4.12 16.50
CA GLY A 221 -8.14 -3.00 16.58
C GLY A 221 -8.61 -2.42 15.33
N ILE A 222 -9.04 -1.16 15.38
CA ILE A 222 -9.50 -0.49 14.21
C ILE A 222 -10.48 -1.51 13.43
N ASN A 223 -10.96 -1.53 12.13
CA ASN A 223 -11.34 -2.97 11.58
C ASN A 223 -12.80 -3.44 11.40
N GLU A 224 -13.77 -2.52 11.30
CA GLU A 224 -15.26 -2.79 11.09
C GLU A 224 -16.03 -1.48 11.39
N ASN A 225 -15.67 -0.86 12.52
CA ASN A 225 -15.62 0.60 12.77
C ASN A 225 -16.00 1.60 11.63
N ASN A 226 -16.13 2.92 11.84
CA ASN A 226 -15.90 3.75 13.10
C ASN A 226 -14.59 4.53 13.27
N THR A 227 -14.78 5.60 14.03
CA THR A 227 -13.72 6.18 14.81
C THR A 227 -14.35 6.76 16.05
N ILE A 228 -14.18 6.00 17.15
CA ILE A 228 -14.61 6.31 18.54
C ILE A 228 -14.11 7.69 19.04
N ILE A 229 -13.14 8.28 18.33
CA ILE A 229 -12.56 9.62 18.63
C ILE A 229 -13.57 10.79 18.33
N ASN A 230 -13.14 12.04 18.52
CA ASN A 230 -13.94 13.27 18.26
C ASN A 230 -13.20 14.32 17.35
N ARG A 231 -13.77 15.49 17.04
CA ARG A 231 -12.98 16.49 16.33
C ARG A 231 -11.68 16.63 17.10
N GLU A 232 -10.56 16.79 16.40
CA GLU A 232 -9.17 16.68 17.04
C GLU A 232 -8.99 15.70 18.23
N GLY A 233 -8.33 14.54 18.16
CA GLY A 233 -8.73 13.32 17.47
C GLY A 233 -8.55 13.40 15.98
N LEU A 234 -9.44 14.17 15.37
CA LEU A 234 -9.41 14.19 13.90
C LEU A 234 -8.27 15.03 13.49
N MET A 235 -8.37 16.25 13.92
CA MET A 235 -7.69 17.31 13.25
C MET A 235 -6.29 17.03 13.68
N ASN A 236 -6.15 16.29 14.78
CA ASN A 236 -4.87 16.27 15.21
C ASN A 236 -4.17 14.95 14.73
N ILE A 237 -4.89 13.84 14.77
CA ILE A 237 -4.21 12.54 14.58
C ILE A 237 -4.39 12.10 13.12
N HIS A 238 -5.65 12.12 12.74
CA HIS A 238 -6.01 11.43 11.45
C HIS A 238 -5.99 12.29 10.23
N MET A 239 -6.16 13.60 10.37
CA MET A 239 -6.20 14.52 9.25
C MET A 239 -4.95 15.17 8.70
N PRO A 240 -3.96 15.51 9.55
CA PRO A 240 -2.85 16.31 9.05
C PRO A 240 -2.14 15.84 7.81
N ALA A 241 -1.95 14.53 7.68
CA ALA A 241 -1.22 14.02 6.49
C ALA A 241 -2.00 14.28 5.20
N TYR A 242 -3.31 14.44 5.26
CA TYR A 242 -4.05 14.79 4.05
C TYR A 242 -3.69 16.22 3.59
N LYS A 243 -3.43 17.12 4.57
CA LYS A 243 -2.90 18.48 4.20
C LYS A 243 -1.55 18.41 3.51
N ASN A 244 -0.63 17.61 4.00
CA ASN A 244 0.64 17.49 3.38
C ASN A 244 0.40 16.86 1.95
N ALA A 245 -0.57 15.94 1.86
CA ALA A 245 -0.89 15.37 0.48
C ALA A 245 -1.37 16.44 -0.49
N MET A 246 -2.19 17.37 0.01
CA MET A 246 -2.64 18.53 -0.81
C MET A 246 -1.44 19.36 -1.25
N ASP A 247 -0.52 19.65 -0.31
CA ASP A 247 0.64 20.44 -0.63
C ASP A 247 1.55 19.81 -1.68
N LYS A 248 1.48 18.48 -1.80
CA LYS A 248 2.24 17.76 -2.77
C LYS A 248 1.44 17.35 -4.03
N GLY A 249 0.24 17.92 -4.20
CA GLY A 249 -0.53 17.77 -5.39
C GLY A 249 -1.08 16.37 -5.62
N VAL A 250 -1.37 15.68 -4.55
CA VAL A 250 -2.05 14.31 -4.73
C VAL A 250 -3.21 14.45 -5.70
N SER A 251 -3.30 13.51 -6.69
CA SER A 251 -4.33 13.68 -7.73
C SER A 251 -5.69 13.25 -7.29
N THR A 252 -5.78 12.21 -6.46
CA THR A 252 -7.02 11.63 -6.03
C THR A 252 -7.03 11.31 -4.56
N VAL A 253 -8.21 11.26 -3.99
CA VAL A 253 -8.40 10.79 -2.60
C VAL A 253 -9.46 9.73 -2.58
N MET A 254 -9.20 8.61 -1.93
CA MET A 254 -10.17 7.54 -1.78
C MET A 254 -10.80 7.62 -0.38
N ILE A 255 -12.10 7.42 -0.37
CA ILE A 255 -12.89 7.52 0.86
C ILE A 255 -12.88 6.19 1.61
N SER A 256 -12.91 6.29 2.98
CA SER A 256 -12.94 5.15 3.86
C SER A 256 -14.27 4.49 4.01
N TYR A 257 -14.30 3.15 4.11
CA TYR A 257 -15.54 2.46 4.70
C TYR A 257 -15.97 2.88 6.04
N SER A 258 -15.05 3.45 6.80
CA SER A 258 -15.34 3.81 8.21
C SER A 258 -16.27 4.98 8.33
N SER A 259 -16.64 5.35 9.56
CA SER A 259 -17.50 6.38 9.86
C SER A 259 -16.78 7.45 10.75
N TRP A 260 -17.22 8.67 10.71
CA TRP A 260 -16.72 9.66 11.70
C TRP A 260 -17.88 10.25 12.44
N ASN A 261 -17.81 10.22 13.79
CA ASN A 261 -18.90 10.76 14.60
C ASN A 261 -20.24 10.18 14.16
N GLY A 262 -20.24 8.86 13.97
CA GLY A 262 -21.39 8.12 13.46
C GLY A 262 -21.90 8.34 12.06
N VAL A 263 -21.17 9.10 11.19
CA VAL A 263 -21.62 9.35 9.81
C VAL A 263 -20.65 8.55 8.89
N LYS A 264 -21.22 7.69 8.04
CA LYS A 264 -20.38 6.94 7.08
C LYS A 264 -19.61 7.94 6.33
N MET A 265 -18.31 7.66 6.08
CA MET A 265 -17.56 8.60 5.29
C MET A 265 -18.00 8.74 3.86
N HIS A 266 -18.53 7.67 3.26
CA HIS A 266 -19.08 7.69 1.92
C HIS A 266 -20.35 8.52 1.79
N ALA A 267 -20.92 8.94 2.92
CA ALA A 267 -22.08 9.83 2.95
C ALA A 267 -21.81 11.12 3.70
N ASN A 268 -20.55 11.47 3.93
CA ASN A 268 -20.23 12.53 4.85
C ASN A 268 -19.92 13.87 4.11
N GLN A 269 -20.99 14.59 3.80
CA GLN A 269 -20.90 15.82 3.00
C GLN A 269 -20.01 16.82 3.73
N ASP A 270 -20.14 16.91 5.06
CA ASP A 270 -19.38 17.90 5.80
C ASP A 270 -17.86 17.67 5.62
N LEU A 271 -17.39 16.43 5.67
CA LEU A 271 -15.94 16.23 5.59
C LEU A 271 -15.48 16.15 4.14
N VAL A 272 -16.25 15.49 3.28
CA VAL A 272 -15.82 15.36 1.87
C VAL A 272 -15.90 16.66 1.09
N THR A 273 -17.04 17.34 1.17
CA THR A 273 -17.26 18.61 0.47
C THR A 273 -16.84 19.81 1.35
N GLY A 274 -17.35 19.86 2.57
CA GLY A 274 -17.01 21.00 3.42
C GLY A 274 -15.55 21.14 3.76
N TYR A 275 -14.89 20.04 4.13
CA TYR A 275 -13.51 20.12 4.58
C TYR A 275 -12.51 19.86 3.43
N LEU A 276 -12.56 18.65 2.87
CA LEU A 276 -11.56 18.34 1.81
C LEU A 276 -11.64 19.21 0.59
N LYS A 277 -12.84 19.38 0.02
CA LYS A 277 -12.94 20.17 -1.16
C LYS A 277 -12.90 21.69 -0.76
N ASP A 278 -13.77 22.11 0.16
CA ASP A 278 -14.00 23.56 0.34
C ASP A 278 -13.01 24.21 1.28
N THR A 279 -12.39 23.46 2.18
CA THR A 279 -11.40 24.04 3.17
C THR A 279 -9.97 23.78 2.75
N LEU A 280 -9.64 22.50 2.45
CA LEU A 280 -8.30 22.12 1.91
C LEU A 280 -8.11 22.49 0.43
N LYS A 281 -9.21 22.87 -0.25
CA LYS A 281 -9.19 23.31 -1.64
C LYS A 281 -8.67 22.17 -2.55
N PHE A 282 -9.02 20.96 -2.19
CA PHE A 282 -8.75 19.81 -3.11
C PHE A 282 -9.47 19.99 -4.43
N LYS A 283 -8.68 19.94 -5.49
CA LYS A 283 -9.16 20.08 -6.87
C LYS A 283 -9.01 18.83 -7.72
N GLY A 284 -8.44 17.75 -7.15
CA GLY A 284 -8.47 16.49 -7.91
C GLY A 284 -9.80 15.79 -7.74
N PHE A 285 -9.85 14.47 -7.96
CA PHE A 285 -11.09 13.72 -7.83
C PHE A 285 -11.12 12.80 -6.64
N VAL A 286 -12.33 12.68 -6.09
CA VAL A 286 -12.61 11.83 -4.94
C VAL A 286 -13.23 10.55 -5.45
N ILE A 287 -12.60 9.43 -5.11
CA ILE A 287 -13.09 8.07 -5.50
C ILE A 287 -13.59 7.30 -4.30
N SER A 288 -14.67 6.55 -4.49
CA SER A 288 -15.13 5.63 -3.49
C SER A 288 -14.14 4.49 -3.28
N ASP A 289 -14.29 3.77 -2.17
CA ASP A 289 -13.68 2.46 -2.05
C ASP A 289 -14.55 1.45 -2.72
N TRP A 290 -14.14 0.19 -2.71
CA TRP A 290 -14.79 -0.88 -3.46
C TRP A 290 -16.14 -1.26 -2.88
N GLU A 291 -17.19 -0.95 -3.60
CA GLU A 291 -18.59 -1.07 -3.04
C GLU A 291 -18.72 -0.27 -1.78
N GLY A 292 -17.98 0.84 -1.67
CA GLY A 292 -18.11 1.71 -0.52
C GLY A 292 -19.48 2.28 -0.36
N ILE A 293 -20.05 2.68 -1.50
CA ILE A 293 -21.40 3.28 -1.41
C ILE A 293 -22.44 2.27 -0.98
N ASP A 294 -22.29 1.03 -1.36
CA ASP A 294 -23.23 -0.08 -1.02
C ASP A 294 -23.23 -0.17 0.50
N ARG A 295 -22.07 0.03 1.10
CA ARG A 295 -21.91 -0.18 2.51
C ARG A 295 -22.40 0.99 3.36
N ILE A 296 -22.89 2.05 2.76
CA ILE A 296 -23.56 3.12 3.50
C ILE A 296 -24.75 2.56 4.28
N THR A 297 -25.44 1.60 3.70
CA THR A 297 -26.63 0.97 4.34
C THR A 297 -26.29 -0.30 5.03
N THR A 298 -27.20 -0.73 5.95
CA THR A 298 -27.06 -2.10 6.54
C THR A 298 -28.39 -2.91 6.35
N PRO A 299 -28.35 -4.10 5.73
CA PRO A 299 -27.13 -4.68 5.19
C PRO A 299 -26.65 -3.83 4.00
N ALA A 300 -25.43 -4.09 3.57
CA ALA A 300 -24.88 -3.40 2.43
C ALA A 300 -25.67 -3.76 1.22
N GLY A 301 -25.93 -2.79 0.38
CA GLY A 301 -26.50 -3.07 -0.90
C GLY A 301 -28.04 -3.09 -0.84
N SER A 302 -28.60 -2.84 0.33
CA SER A 302 -30.04 -2.97 0.51
C SER A 302 -30.85 -1.77 0.05
N ASP A 303 -30.19 -0.67 -0.33
CA ASP A 303 -30.91 0.41 -0.97
C ASP A 303 -29.94 1.20 -1.84
N TYR A 304 -29.69 0.66 -3.02
CA TYR A 304 -28.56 1.15 -3.81
C TYR A 304 -28.95 2.49 -4.35
N SER A 305 -30.25 2.70 -4.56
CA SER A 305 -30.67 4.04 -4.87
C SER A 305 -30.24 5.12 -3.91
N TYR A 306 -30.45 4.86 -2.62
CA TYR A 306 -30.00 5.77 -1.60
C TYR A 306 -28.45 5.86 -1.56
N SER A 307 -27.79 4.76 -1.77
CA SER A 307 -26.28 4.73 -1.78
C SER A 307 -25.77 5.70 -2.82
N VAL A 308 -26.36 5.69 -3.99
CA VAL A 308 -25.95 6.58 -5.10
C VAL A 308 -26.22 8.02 -4.74
N LYS A 309 -27.48 8.31 -4.31
CA LYS A 309 -27.83 9.65 -3.89
C LYS A 309 -26.97 10.20 -2.79
N ALA A 310 -26.76 9.45 -1.74
CA ALA A 310 -26.04 9.91 -0.61
C ALA A 310 -24.55 10.19 -0.90
N SER A 311 -23.96 9.27 -1.66
CA SER A 311 -22.51 9.38 -1.97
C SER A 311 -22.24 10.53 -2.95
N ILE A 312 -23.07 10.69 -3.95
CA ILE A 312 -22.82 11.74 -4.97
C ILE A 312 -23.13 13.12 -4.32
N LEU A 313 -24.25 13.20 -3.57
CA LEU A 313 -24.48 14.47 -2.88
C LEU A 313 -23.43 14.77 -1.83
N ALA A 314 -22.82 13.74 -1.23
CA ALA A 314 -21.74 13.99 -0.27
C ALA A 314 -20.52 14.61 -0.90
N GLY A 315 -20.35 14.40 -2.22
CA GLY A 315 -19.28 15.02 -2.95
C GLY A 315 -18.32 14.03 -3.58
N LEU A 316 -18.65 12.72 -3.61
CA LEU A 316 -17.74 11.77 -4.28
C LEU A 316 -17.86 12.03 -5.78
N ASP A 317 -16.76 11.83 -6.49
CA ASP A 317 -16.67 12.14 -7.92
C ASP A 317 -16.71 10.91 -8.82
N MET A 318 -16.02 9.88 -8.43
CA MET A 318 -15.91 8.67 -9.23
C MET A 318 -16.24 7.50 -8.27
N ILE A 319 -17.03 6.58 -8.75
CA ILE A 319 -17.48 5.45 -7.97
C ILE A 319 -16.82 4.18 -8.51
N MET A 320 -16.13 3.51 -7.59
CA MET A 320 -15.55 2.17 -7.79
C MET A 320 -16.66 1.20 -7.57
N VAL A 321 -17.34 0.87 -8.67
CA VAL A 321 -18.65 0.21 -8.54
C VAL A 321 -18.54 -1.14 -7.84
N PRO A 322 -17.69 -2.05 -8.31
CA PRO A 322 -16.98 -2.01 -9.60
C PRO A 322 -17.60 -2.95 -10.63
N ASN A 323 -18.62 -3.73 -10.21
CA ASN A 323 -19.19 -4.73 -11.08
C ASN A 323 -20.50 -4.40 -11.69
N LYS A 324 -21.43 -4.02 -10.82
CA LYS A 324 -22.81 -3.68 -11.26
C LYS A 324 -22.96 -2.29 -11.85
N TYR A 325 -22.21 -2.05 -12.92
CA TYR A 325 -22.21 -0.77 -13.59
C TYR A 325 -23.56 -0.36 -14.16
N GLN A 326 -24.31 -1.36 -14.62
CA GLN A 326 -25.64 -1.02 -15.22
C GLN A 326 -26.56 -0.39 -14.18
N GLN A 327 -26.61 -0.99 -13.01
CA GLN A 327 -27.41 -0.47 -11.94
C GLN A 327 -26.97 0.90 -11.55
N PHE A 328 -25.64 1.10 -11.38
CA PHE A 328 -25.16 2.41 -11.07
C PHE A 328 -25.50 3.51 -12.03
N ILE A 329 -25.22 3.26 -13.29
CA ILE A 329 -25.47 4.22 -14.29
C ILE A 329 -27.02 4.52 -14.44
N SER A 330 -27.78 3.48 -14.36
CA SER A 330 -29.23 3.66 -14.46
C SER A 330 -29.80 4.50 -13.33
N ILE A 331 -29.39 4.17 -12.12
CA ILE A 331 -29.91 4.87 -10.93
C ILE A 331 -29.44 6.31 -10.93
N LEU A 332 -28.14 6.55 -11.25
CA LEU A 332 -27.71 7.89 -11.23
C LEU A 332 -28.41 8.72 -12.31
N THR A 333 -28.56 8.18 -13.51
CA THR A 333 -29.27 8.84 -14.59
C THR A 333 -30.65 9.25 -14.07
N GLY A 334 -31.32 8.29 -13.46
CA GLY A 334 -32.75 8.50 -12.90
C GLY A 334 -32.72 9.68 -11.91
N HIS A 335 -31.76 9.71 -10.98
CA HIS A 335 -31.62 10.79 -10.01
C HIS A 335 -31.40 12.15 -10.67
N VAL A 336 -30.59 12.23 -11.73
CA VAL A 336 -30.38 13.52 -12.34
C VAL A 336 -31.65 13.90 -13.14
N ASN A 337 -32.24 12.93 -13.84
CA ASN A 337 -33.45 13.23 -14.66
C ASN A 337 -34.55 13.72 -13.73
N GLY A 338 -34.60 13.20 -12.54
CA GLY A 338 -35.62 13.51 -11.48
C GLY A 338 -35.37 14.80 -10.73
N GLY A 339 -34.22 15.43 -10.97
CA GLY A 339 -33.79 16.56 -10.16
C GLY A 339 -33.31 16.36 -8.77
N VAL A 340 -33.09 15.13 -8.34
CA VAL A 340 -32.64 14.84 -7.03
C VAL A 340 -31.14 15.17 -6.86
N ILE A 341 -30.38 14.91 -7.93
CA ILE A 341 -28.98 15.31 -7.96
C ILE A 341 -28.87 16.36 -9.08
N PRO A 342 -28.40 17.55 -8.71
CA PRO A 342 -28.34 18.58 -9.65
C PRO A 342 -27.21 18.42 -10.68
N MET A 343 -27.39 19.02 -11.83
CA MET A 343 -26.32 18.93 -12.86
C MET A 343 -25.07 19.61 -12.42
N SER A 344 -25.15 20.60 -11.51
CA SER A 344 -23.94 21.23 -10.99
C SER A 344 -23.06 20.21 -10.29
N ARG A 345 -23.66 19.22 -9.63
CA ARG A 345 -22.89 18.23 -8.88
C ARG A 345 -22.19 17.29 -9.88
N ILE A 346 -22.92 16.80 -10.86
CA ILE A 346 -22.34 15.97 -11.92
C ILE A 346 -21.24 16.71 -12.62
N ASP A 347 -21.48 18.00 -12.95
CA ASP A 347 -20.47 18.75 -13.64
C ASP A 347 -19.18 18.94 -12.81
N ASP A 348 -19.32 19.12 -11.51
CA ASP A 348 -18.18 19.22 -10.62
C ASP A 348 -17.38 17.90 -10.63
N ALA A 349 -18.08 16.80 -10.53
CA ALA A 349 -17.43 15.46 -10.56
C ALA A 349 -16.65 15.29 -11.83
N VAL A 350 -17.30 15.55 -12.95
CA VAL A 350 -16.65 15.38 -14.25
C VAL A 350 -15.54 16.37 -14.45
N THR A 351 -15.71 17.63 -14.01
CA THR A 351 -14.60 18.57 -14.09
C THR A 351 -13.32 18.01 -13.41
N ARG A 352 -13.52 17.49 -12.21
CA ARG A 352 -12.40 16.97 -11.43
C ARG A 352 -11.73 15.78 -12.09
N ILE A 353 -12.54 14.86 -12.63
CA ILE A 353 -11.99 13.67 -13.28
C ILE A 353 -11.20 14.11 -14.50
N LEU A 354 -11.83 14.97 -15.31
CA LEU A 354 -11.14 15.46 -16.51
C LEU A 354 -9.90 16.27 -16.17
N ARG A 355 -9.94 17.06 -15.12
CA ARG A 355 -8.78 17.86 -14.73
C ARG A 355 -7.58 16.96 -14.44
N VAL A 356 -7.78 15.87 -13.73
CA VAL A 356 -6.72 14.89 -13.50
C VAL A 356 -6.21 14.30 -14.78
N LYS A 357 -7.13 13.85 -15.64
CA LYS A 357 -6.76 13.23 -16.90
C LYS A 357 -5.97 14.16 -17.84
N PHE A 358 -6.42 15.42 -17.97
CA PHE A 358 -5.73 16.37 -18.80
C PHE A 358 -4.41 16.67 -18.19
N THR A 359 -4.39 16.91 -16.88
CA THR A 359 -3.17 17.37 -16.24
C THR A 359 -2.07 16.39 -16.34
N MET A 360 -2.42 15.09 -16.24
CA MET A 360 -1.42 14.03 -16.27
C MET A 360 -0.92 13.61 -17.64
N GLY A 361 -1.46 14.22 -18.70
CA GLY A 361 -1.08 13.91 -20.04
C GLY A 361 -1.79 12.78 -20.71
N LEU A 362 -2.90 12.31 -20.10
CA LEU A 362 -3.55 11.11 -20.57
C LEU A 362 -4.13 11.29 -21.96
N PHE A 363 -4.54 12.48 -22.31
CA PHE A 363 -5.12 12.72 -23.68
C PHE A 363 -4.01 12.76 -24.70
N GLU A 364 -2.76 13.02 -24.27
CA GLU A 364 -1.63 12.99 -25.17
C GLU A 364 -0.99 11.68 -25.27
N ASN A 365 -1.01 10.90 -24.18
CA ASN A 365 -0.42 9.60 -24.19
C ASN A 365 -1.39 8.60 -23.56
N PRO A 366 -2.39 8.23 -24.32
CA PRO A 366 -3.39 7.29 -23.79
C PRO A 366 -2.98 5.88 -23.75
N TYR A 367 -1.92 5.58 -24.50
CA TYR A 367 -1.50 4.17 -24.71
C TYR A 367 -0.14 3.90 -24.01
N ALA A 368 0.06 2.64 -23.73
CA ALA A 368 1.26 2.17 -23.05
C ALA A 368 2.47 2.38 -23.93
N ASP A 369 3.59 2.53 -23.26
CA ASP A 369 4.92 2.65 -23.96
C ASP A 369 5.61 1.34 -23.91
N PRO A 370 5.77 0.65 -25.01
CA PRO A 370 6.41 -0.69 -24.96
C PRO A 370 7.84 -0.67 -24.43
N ALA A 371 8.53 0.43 -24.62
CA ALA A 371 9.92 0.57 -24.13
C ALA A 371 10.01 0.60 -22.61
N MET A 372 8.84 0.81 -21.94
CA MET A 372 8.85 0.84 -20.50
C MET A 372 8.70 -0.56 -19.90
N ALA A 373 8.42 -1.59 -20.71
CA ALA A 373 8.16 -2.91 -20.18
C ALA A 373 9.27 -3.48 -19.32
N GLU A 374 10.49 -3.17 -19.73
CA GLU A 374 11.66 -3.63 -19.02
C GLU A 374 11.92 -2.97 -17.72
N GLN A 375 11.11 -1.95 -17.34
CA GLN A 375 11.19 -1.44 -15.99
C GLN A 375 10.67 -2.40 -14.95
N LEU A 376 9.82 -3.35 -15.34
CA LEU A 376 9.24 -4.25 -14.36
C LEU A 376 10.30 -5.17 -13.78
N GLY A 377 10.45 -5.20 -12.48
CA GLY A 377 11.47 -6.00 -11.83
C GLY A 377 12.90 -5.61 -12.09
N LYS A 378 13.10 -4.37 -12.56
CA LYS A 378 14.44 -3.92 -12.99
C LYS A 378 15.40 -3.94 -11.83
N GLN A 379 16.63 -4.43 -12.05
CA GLN A 379 17.53 -4.69 -10.97
C GLN A 379 17.85 -3.47 -10.14
N GLU A 380 17.99 -2.29 -10.73
CA GLU A 380 18.20 -1.08 -9.94
C GLU A 380 17.06 -0.89 -8.89
N HIS A 381 15.84 -1.26 -9.26
CA HIS A 381 14.70 -1.12 -8.33
C HIS A 381 14.78 -2.13 -7.23
N ARG A 382 15.22 -3.34 -7.56
CA ARG A 382 15.48 -4.34 -6.57
C ARG A 382 16.59 -3.95 -5.62
N ASP A 383 17.65 -3.27 -6.13
CA ASP A 383 18.68 -2.75 -5.27
C ASP A 383 18.07 -1.75 -4.25
N LEU A 384 17.16 -0.90 -4.72
CA LEU A 384 16.50 0.05 -3.87
C LEU A 384 15.67 -0.69 -2.83
N ALA A 385 14.91 -1.71 -3.22
CA ALA A 385 14.08 -2.47 -2.28
C ALA A 385 14.95 -3.13 -1.23
N ARG A 386 16.13 -3.62 -1.63
CA ARG A 386 17.11 -4.27 -0.72
C ARG A 386 17.59 -3.24 0.34
N GLU A 387 17.89 -2.03 -0.12
CA GLU A 387 18.25 -0.90 0.77
C GLU A 387 17.11 -0.63 1.72
N ALA A 388 15.92 -0.52 1.22
CA ALA A 388 14.78 -0.28 2.09
C ALA A 388 14.52 -1.35 3.08
N ALA A 389 14.60 -2.62 2.68
CA ALA A 389 14.38 -3.71 3.63
C ALA A 389 15.45 -3.67 4.76
N ARG A 390 16.67 -3.48 4.36
CA ARG A 390 17.75 -3.38 5.36
C ARG A 390 17.52 -2.23 6.34
N LYS A 391 17.13 -1.08 5.82
CA LYS A 391 16.87 0.09 6.67
C LYS A 391 15.67 -0.07 7.57
N SER A 392 14.74 -0.91 7.16
CA SER A 392 13.48 -1.13 7.92
C SER A 392 13.69 -2.01 9.15
N LEU A 393 14.75 -2.76 9.22
CA LEU A 393 14.91 -3.78 10.24
C LEU A 393 15.16 -3.06 11.58
N VAL A 394 14.50 -3.55 12.63
CA VAL A 394 14.73 -3.02 13.99
C VAL A 394 15.33 -4.11 14.83
N LEU A 395 16.53 -3.87 15.31
CA LEU A 395 17.28 -4.74 16.20
C LEU A 395 16.76 -4.57 17.59
N LEU A 396 16.14 -5.60 18.13
CA LEU A 396 15.49 -5.50 19.45
C LEU A 396 16.35 -6.04 20.56
N LYS A 397 17.24 -6.93 20.22
CA LYS A 397 18.12 -7.67 21.18
C LYS A 397 19.35 -8.14 20.46
N ASN A 398 20.55 -8.00 21.11
CA ASN A 398 21.77 -8.47 20.47
C ASN A 398 22.73 -8.95 21.59
N GLY A 399 22.35 -10.02 22.28
CA GLY A 399 23.04 -10.55 23.47
C GLY A 399 22.12 -10.76 24.60
N LYS A 400 22.25 -11.91 25.25
CA LYS A 400 21.36 -12.21 26.37
C LYS A 400 21.66 -11.52 27.65
N THR A 401 22.92 -11.15 27.85
CA THR A 401 23.29 -10.46 29.06
C THR A 401 24.23 -9.31 28.63
N SER A 402 24.51 -8.43 29.56
CA SER A 402 25.37 -7.28 29.27
C SER A 402 26.83 -7.75 29.20
N THR A 403 27.18 -8.94 29.62
CA THR A 403 28.56 -9.46 29.56
C THR A 403 28.74 -10.16 28.17
N ASP A 404 27.66 -10.52 27.48
CA ASP A 404 27.83 -11.41 26.30
C ASP A 404 28.47 -10.67 25.12
N ALA A 405 29.18 -11.41 24.30
CA ALA A 405 29.63 -10.89 23.03
C ALA A 405 28.35 -10.59 22.21
N PRO A 406 28.33 -9.49 21.51
CA PRO A 406 27.15 -9.31 20.60
C PRO A 406 27.19 -10.40 19.55
N LEU A 407 26.02 -10.94 19.21
CA LEU A 407 25.90 -12.01 18.20
C LEU A 407 26.05 -11.40 16.83
N LEU A 408 25.35 -10.30 16.62
CA LEU A 408 25.40 -9.58 15.33
C LEU A 408 26.38 -8.49 15.36
N PRO A 409 27.08 -8.28 14.25
CA PRO A 409 27.03 -9.07 12.95
C PRO A 409 27.71 -10.41 13.04
N LEU A 410 27.15 -11.37 12.30
CA LEU A 410 27.60 -12.71 12.18
C LEU A 410 28.76 -12.77 11.22
N PRO A 411 29.68 -13.69 11.43
CA PRO A 411 30.75 -13.92 10.43
C PRO A 411 30.26 -14.64 9.21
N LYS A 412 30.70 -14.20 8.05
CA LYS A 412 30.36 -14.90 6.79
C LYS A 412 31.10 -16.19 6.59
N LYS A 413 32.25 -16.32 7.30
CA LYS A 413 33.03 -17.53 7.20
C LYS A 413 32.90 -18.34 8.49
N ALA A 414 32.37 -19.56 8.37
CA ALA A 414 32.19 -20.47 9.52
C ALA A 414 32.06 -21.85 8.97
N PRO A 415 32.41 -22.90 9.72
CA PRO A 415 32.37 -24.22 9.04
C PRO A 415 31.01 -24.62 8.58
N LYS A 416 30.04 -24.50 9.45
CA LYS A 416 28.68 -24.87 9.16
C LYS A 416 27.72 -24.00 9.93
N ILE A 417 26.66 -23.55 9.28
CA ILE A 417 25.62 -22.79 9.92
C ILE A 417 24.26 -23.35 9.55
N LEU A 418 23.30 -23.05 10.41
CA LEU A 418 21.91 -23.48 10.25
C LEU A 418 20.98 -22.32 9.94
N VAL A 419 20.16 -22.48 8.92
CA VAL A 419 19.05 -21.57 8.59
C VAL A 419 17.77 -22.40 8.83
N ALA A 420 16.88 -21.87 9.64
CA ALA A 420 15.68 -22.62 9.99
C ALA A 420 14.45 -21.72 10.11
N GLY A 421 13.30 -22.37 10.22
CA GLY A 421 12.06 -21.69 10.42
C GLY A 421 11.17 -21.63 9.21
N SER A 422 9.86 -21.56 9.52
CA SER A 422 8.84 -21.42 8.50
C SER A 422 8.96 -20.26 7.59
N HIS A 423 9.66 -19.22 8.02
CA HIS A 423 9.77 -18.00 7.24
C HIS A 423 11.13 -17.79 6.59
N ALA A 424 12.01 -18.75 6.73
CA ALA A 424 13.36 -18.68 6.16
C ALA A 424 13.42 -18.84 4.67
N ASP A 425 12.49 -19.62 4.09
CA ASP A 425 12.48 -19.90 2.67
C ASP A 425 11.10 -19.84 2.12
N ASN A 426 10.47 -18.69 2.33
CA ASN A 426 9.09 -18.51 1.94
C ASN A 426 8.84 -17.10 1.46
N LEU A 427 8.91 -16.93 0.15
CA LEU A 427 8.85 -15.58 -0.39
C LEU A 427 7.50 -14.93 -0.15
N GLY A 428 6.40 -15.72 -0.26
CA GLY A 428 5.06 -15.20 -0.01
C GLY A 428 4.94 -14.67 1.43
N TYR A 429 5.47 -15.38 2.43
CA TYR A 429 5.36 -14.92 3.78
C TYR A 429 6.18 -13.63 4.00
N GLN A 430 7.33 -13.57 3.32
CA GLN A 430 8.21 -12.38 3.51
C GLN A 430 7.61 -11.16 2.89
N CYS A 431 6.74 -11.35 1.87
CA CYS A 431 6.00 -10.21 1.25
C CYS A 431 4.72 -9.84 1.95
N GLY A 432 4.04 -10.78 2.53
CA GLY A 432 2.80 -10.49 3.22
C GLY A 432 1.64 -10.18 2.28
N GLY A 433 0.58 -9.58 2.79
CA GLY A 433 -0.62 -9.32 2.02
C GLY A 433 -0.41 -8.35 0.87
N TRP A 434 -1.42 -8.24 0.03
CA TRP A 434 -1.33 -7.41 -1.15
C TRP A 434 -0.12 -7.82 -1.99
N THR A 435 0.05 -9.13 -2.26
CA THR A 435 1.19 -9.50 -3.09
C THR A 435 0.71 -10.70 -3.96
N ILE A 436 0.94 -10.59 -5.24
N ILE A 436 0.88 -10.55 -5.26
CA ILE A 436 0.36 -11.51 -6.25
C ILE A 436 -1.27 -11.52 -6.38
N GLU A 437 -1.85 -12.08 -5.25
CA GLU A 437 -3.15 -11.46 -4.65
C GLU A 437 -4.64 -11.63 -4.26
N PHE A 438 -5.10 -10.59 -3.73
CA PHE A 438 -5.06 -9.73 -2.70
C PHE A 438 -4.52 -10.10 -1.23
N GLN A 439 -4.74 -11.36 -0.85
CA GLN A 439 -4.47 -11.80 0.51
C GLN A 439 -2.98 -12.10 0.55
N GLY A 440 -2.20 -11.83 -0.54
CA GLY A 440 -0.84 -12.45 -0.45
C GLY A 440 -0.97 -14.03 -0.57
N ASP A 441 0.09 -14.83 -0.27
CA ASP A 441 0.12 -16.28 -0.62
C ASP A 441 1.47 -16.87 -0.10
N THR A 442 1.67 -18.19 -0.22
CA THR A 442 2.87 -18.89 0.41
C THR A 442 3.75 -19.30 -0.78
N GLY A 443 5.07 -19.36 -0.58
CA GLY A 443 6.03 -20.11 -1.45
C GLY A 443 6.57 -19.10 -2.44
N ARG A 444 6.98 -19.57 -3.63
CA ARG A 444 7.63 -18.76 -4.67
C ARG A 444 6.62 -18.15 -5.72
N THR A 445 5.92 -17.11 -5.29
CA THR A 445 4.82 -16.53 -6.06
C THR A 445 5.32 -15.51 -7.10
N THR A 446 6.60 -15.20 -7.02
CA THR A 446 7.18 -14.19 -7.88
C THR A 446 8.72 -14.30 -7.89
N VAL A 447 9.39 -13.38 -8.54
CA VAL A 447 10.89 -13.37 -8.57
C VAL A 447 11.35 -12.64 -7.32
N GLY A 448 12.38 -13.19 -6.68
CA GLY A 448 12.80 -12.64 -5.40
C GLY A 448 13.85 -13.53 -4.77
N THR A 449 14.26 -13.17 -3.56
CA THR A 449 15.33 -13.87 -2.85
C THR A 449 14.81 -14.08 -1.41
N THR A 450 14.65 -15.34 -0.99
CA THR A 450 14.27 -15.65 0.36
C THR A 450 15.45 -15.42 1.27
N ILE A 451 15.19 -15.52 2.58
CA ILE A 451 16.27 -15.38 3.61
C ILE A 451 17.32 -16.45 3.41
N LEU A 452 16.90 -17.69 3.17
CA LEU A 452 17.83 -18.79 2.94
C LEU A 452 18.74 -18.49 1.72
N GLU A 453 18.08 -18.09 0.63
CA GLU A 453 18.85 -17.79 -0.59
C GLU A 453 19.79 -16.63 -0.41
N ALA A 454 19.41 -15.63 0.39
CA ALA A 454 20.24 -14.52 0.76
C ALA A 454 21.45 -14.93 1.55
N VAL A 455 21.24 -15.85 2.51
CA VAL A 455 22.36 -16.38 3.32
C VAL A 455 23.34 -17.10 2.39
N LYS A 456 22.80 -17.99 1.51
CA LYS A 456 23.69 -18.74 0.66
C LYS A 456 24.52 -17.80 -0.26
N ALA A 457 23.89 -16.73 -0.70
CA ALA A 457 24.58 -15.71 -1.54
C ALA A 457 25.58 -14.83 -0.82
N ALA A 458 25.49 -14.76 0.51
CA ALA A 458 26.37 -13.91 1.31
C ALA A 458 27.58 -14.56 1.82
N VAL A 459 27.49 -15.82 2.24
CA VAL A 459 28.52 -16.43 3.07
C VAL A 459 29.76 -16.80 2.22
N ASP A 460 30.88 -16.92 2.87
CA ASP A 460 32.10 -17.45 2.23
C ASP A 460 31.80 -18.80 1.58
N PRO A 461 32.52 -19.15 0.49
CA PRO A 461 32.32 -20.45 -0.16
C PRO A 461 32.62 -21.65 0.71
N SER A 462 33.45 -21.49 1.72
CA SER A 462 33.72 -22.56 2.65
C SER A 462 32.64 -22.83 3.66
N THR A 463 31.73 -21.90 3.82
CA THR A 463 30.67 -22.04 4.83
C THR A 463 29.61 -23.00 4.32
N VAL A 464 29.35 -24.08 5.06
CA VAL A 464 28.31 -25.02 4.69
C VAL A 464 26.98 -24.50 5.28
N VAL A 465 25.94 -24.35 4.45
CA VAL A 465 24.69 -23.84 4.94
C VAL A 465 23.69 -24.96 4.95
N VAL A 466 23.09 -25.26 6.08
CA VAL A 466 22.12 -26.31 6.18
C VAL A 466 20.77 -25.69 6.47
N PHE A 467 19.76 -26.06 5.71
CA PHE A 467 18.39 -25.59 5.94
C PHE A 467 17.57 -26.67 6.59
N ALA A 468 16.82 -26.35 7.63
CA ALA A 468 15.82 -27.27 8.21
C ALA A 468 14.67 -26.40 8.62
N GLU A 469 13.50 -26.63 8.06
CA GLU A 469 12.32 -25.79 8.39
C GLU A 469 11.97 -25.79 9.86
N ASN A 470 11.89 -27.00 10.44
CA ASN A 470 11.46 -27.13 11.81
C ASN A 470 12.25 -28.22 12.51
N PRO A 471 13.52 -27.98 12.68
CA PRO A 471 14.39 -29.00 13.29
C PRO A 471 14.11 -29.25 14.73
N ASP A 472 14.30 -30.51 15.15
CA ASP A 472 14.15 -30.72 16.57
C ASP A 472 15.45 -30.42 17.35
N ALA A 473 15.36 -30.35 18.68
CA ALA A 473 16.48 -29.94 19.46
C ALA A 473 17.70 -30.81 19.23
N GLU A 474 17.54 -32.15 19.15
CA GLU A 474 18.69 -33.01 18.93
C GLU A 474 19.46 -32.74 17.65
N PHE A 475 18.69 -32.51 16.56
CA PHE A 475 19.25 -32.16 15.26
C PHE A 475 20.18 -30.95 15.37
N VAL A 476 19.75 -29.94 16.11
CA VAL A 476 20.54 -28.73 16.26
C VAL A 476 21.82 -29.02 17.04
N LYS A 477 21.66 -29.70 18.17
CA LYS A 477 22.78 -29.97 19.05
C LYS A 477 23.85 -30.87 18.44
N SER A 478 23.41 -31.76 17.53
CA SER A 478 24.33 -32.70 16.89
C SER A 478 24.94 -32.18 15.63
N GLY A 479 24.49 -31.01 15.12
CA GLY A 479 24.95 -30.59 13.78
C GLY A 479 26.27 -29.94 13.66
N GLY A 480 26.84 -29.49 14.75
CA GLY A 480 28.13 -28.87 14.63
C GLY A 480 28.05 -27.45 14.06
N PHE A 481 26.93 -26.80 14.37
CA PHE A 481 26.73 -25.38 13.84
C PHE A 481 27.46 -24.36 14.60
N SER A 482 27.94 -23.33 13.94
CA SER A 482 28.52 -22.18 14.54
C SER A 482 27.46 -21.27 15.16
N TYR A 483 26.36 -21.12 14.46
CA TYR A 483 25.23 -20.28 14.80
C TYR A 483 24.08 -20.69 13.88
N ALA A 484 22.94 -20.14 14.23
CA ALA A 484 21.68 -20.31 13.48
C ALA A 484 21.02 -18.99 13.25
N ILE A 485 20.35 -18.89 12.08
CA ILE A 485 19.38 -17.81 11.72
C ILE A 485 18.06 -18.47 11.59
N VAL A 486 17.14 -18.09 12.45
CA VAL A 486 15.80 -18.68 12.50
C VAL A 486 14.78 -17.64 12.21
N ALA A 487 13.92 -17.90 11.23
CA ALA A 487 12.94 -16.89 10.77
C ALA A 487 11.55 -17.46 10.93
N VAL A 488 10.71 -16.72 11.61
CA VAL A 488 9.36 -17.14 11.93
C VAL A 488 8.44 -15.90 11.91
N GLY A 489 7.11 -16.09 12.00
CA GLY A 489 6.25 -14.95 12.12
C GLY A 489 4.84 -15.15 11.59
N GLU A 490 4.23 -14.02 11.20
CA GLU A 490 2.87 -14.01 10.71
C GLU A 490 2.72 -14.58 9.33
N HIS A 491 1.53 -15.11 9.04
CA HIS A 491 1.15 -15.50 7.63
C HIS A 491 0.56 -14.26 7.02
N PRO A 492 0.42 -14.23 5.71
CA PRO A 492 -0.16 -13.08 5.09
C PRO A 492 -1.63 -12.87 5.48
N TYR A 493 -2.04 -11.64 5.60
CA TYR A 493 -3.45 -11.32 5.89
C TYR A 493 -3.86 -9.91 5.48
N THR A 494 -5.19 -9.69 5.76
CA THR A 494 -5.86 -8.36 5.71
C THR A 494 -6.94 -8.12 6.76
N GLU A 495 -7.75 -7.09 6.48
CA GLU A 495 -8.58 -6.57 7.47
C GLU A 495 -9.54 -7.66 7.97
N THR A 496 -10.04 -8.45 7.06
CA THR A 496 -11.09 -9.35 7.49
C THR A 496 -10.72 -10.82 7.32
N LYS A 497 -9.46 -11.10 7.03
CA LYS A 497 -9.11 -12.48 6.67
C LYS A 497 -7.74 -12.83 7.19
N GLY A 498 -7.63 -13.89 7.99
CA GLY A 498 -6.35 -14.35 8.53
C GLY A 498 -5.81 -13.49 9.68
N ASP A 499 -6.64 -12.54 10.18
CA ASP A 499 -6.17 -11.56 11.19
C ASP A 499 -6.41 -12.11 12.66
N ASN A 500 -5.42 -12.79 13.26
CA ASN A 500 -5.50 -13.32 14.66
C ASN A 500 -5.38 -12.19 15.69
N LEU A 501 -6.47 -11.79 16.36
CA LEU A 501 -6.47 -10.62 17.29
C LEU A 501 -5.76 -10.89 18.69
N ASN A 502 -5.30 -12.09 18.90
CA ASN A 502 -4.45 -12.38 20.05
C ASN A 502 -3.03 -11.94 19.72
N LEU A 503 -2.75 -11.56 18.45
CA LEU A 503 -1.39 -11.17 18.06
C LEU A 503 -0.26 -12.12 18.49
N THR A 504 -0.50 -13.43 18.40
CA THR A 504 0.51 -14.47 18.68
C THR A 504 0.90 -15.12 17.35
N ILE A 505 2.16 -15.40 17.16
CA ILE A 505 2.50 -15.99 15.90
C ILE A 505 2.11 -17.46 15.81
N PRO A 506 1.80 -17.92 14.58
CA PRO A 506 1.40 -19.31 14.43
C PRO A 506 2.49 -20.24 14.74
N GLU A 507 2.10 -21.40 15.19
CA GLU A 507 3.02 -22.49 15.45
C GLU A 507 3.12 -23.36 14.22
N PRO A 508 4.29 -24.02 14.03
CA PRO A 508 5.43 -23.93 14.89
C PRO A 508 6.15 -22.62 14.45
N GLY A 509 6.51 -21.89 15.45
CA GLY A 509 7.25 -20.69 15.30
C GLY A 509 8.08 -20.57 16.59
N LEU A 510 7.41 -20.34 17.70
CA LEU A 510 8.14 -20.28 18.99
C LEU A 510 8.81 -21.60 19.27
N SER A 511 8.16 -22.73 18.96
CA SER A 511 8.74 -24.02 19.28
C SER A 511 10.05 -24.25 18.47
N THR A 512 10.07 -23.77 17.23
CA THR A 512 11.33 -23.81 16.41
C THR A 512 12.41 -22.94 16.98
N VAL A 513 12.08 -21.69 17.34
CA VAL A 513 13.07 -20.84 17.94
C VAL A 513 13.64 -21.45 19.22
N GLN A 514 12.75 -22.01 20.05
CA GLN A 514 13.23 -22.67 21.31
C GLN A 514 14.17 -23.85 21.05
N ALA A 515 13.85 -24.66 20.06
CA ALA A 515 14.66 -25.85 19.71
C ALA A 515 15.99 -25.44 19.14
N VAL A 516 15.98 -24.43 18.28
CA VAL A 516 17.17 -23.93 17.68
C VAL A 516 18.08 -23.23 18.71
N CYS A 517 17.59 -22.18 19.35
CA CYS A 517 18.31 -21.37 20.26
C CYS A 517 18.78 -22.16 21.50
N GLY A 518 18.06 -23.22 21.79
CA GLY A 518 18.47 -24.16 22.91
C GLY A 518 19.69 -24.96 22.60
N GLY A 519 20.00 -25.09 21.31
CA GLY A 519 21.19 -25.80 20.87
C GLY A 519 22.41 -25.05 20.34
N VAL A 520 22.26 -23.80 19.88
CA VAL A 520 23.30 -23.03 19.30
C VAL A 520 22.88 -21.54 19.39
N ARG A 521 23.86 -20.65 19.35
CA ARG A 521 23.56 -19.20 19.41
C ARG A 521 22.69 -18.91 18.20
N CYS A 522 21.66 -18.10 18.40
CA CYS A 522 20.69 -17.89 17.33
C CYS A 522 20.39 -16.42 17.14
N ALA A 523 20.12 -16.09 15.89
CA ALA A 523 19.58 -14.75 15.54
C ALA A 523 18.18 -15.02 15.00
N THR A 524 17.17 -14.57 15.66
CA THR A 524 15.79 -14.76 15.26
C THR A 524 15.34 -13.55 14.46
N VAL A 525 14.78 -13.85 13.30
CA VAL A 525 14.27 -12.83 12.37
C VAL A 525 12.74 -13.01 12.44
N LEU A 526 12.06 -11.99 12.95
CA LEU A 526 10.63 -11.99 13.08
C LEU A 526 9.97 -11.24 11.92
N ILE A 527 9.17 -11.96 11.11
CA ILE A 527 8.48 -11.42 9.97
C ILE A 527 7.03 -11.20 10.43
N SER A 528 6.63 -9.96 10.44
CA SER A 528 5.27 -9.57 10.90
C SER A 528 4.82 -8.23 10.35
N GLY A 529 3.51 -8.03 10.32
CA GLY A 529 2.92 -6.76 9.91
C GLY A 529 2.81 -5.70 11.00
N ARG A 530 3.35 -6.03 12.20
CA ARG A 530 2.97 -5.28 13.42
C ARG A 530 3.73 -5.95 14.57
N PRO A 531 3.77 -5.22 15.69
CA PRO A 531 4.19 -5.87 16.93
C PRO A 531 3.26 -7.02 17.24
N VAL A 532 3.85 -8.11 17.73
CA VAL A 532 3.19 -9.34 18.11
C VAL A 532 3.76 -9.71 19.51
N VAL A 533 3.04 -10.59 20.21
CA VAL A 533 3.53 -11.02 21.51
C VAL A 533 4.98 -11.54 21.32
N VAL A 534 5.95 -10.99 22.01
CA VAL A 534 7.34 -11.31 21.69
C VAL A 534 8.22 -11.84 22.83
N GLN A 535 7.73 -11.73 24.07
CA GLN A 535 8.64 -12.01 25.17
C GLN A 535 9.19 -13.43 25.11
N PRO A 536 8.38 -14.43 24.74
CA PRO A 536 8.91 -15.81 24.71
C PRO A 536 9.97 -15.96 23.63
N LEU A 537 9.78 -15.26 22.49
CA LEU A 537 10.84 -15.28 21.44
C LEU A 537 12.08 -14.56 21.92
N LEU A 538 11.93 -13.40 22.57
CA LEU A 538 13.10 -12.68 23.10
C LEU A 538 13.86 -13.50 24.11
N ALA A 539 13.11 -14.14 25.02
CA ALA A 539 13.75 -14.89 26.07
C ALA A 539 14.62 -15.99 25.52
N ALA A 540 14.18 -16.67 24.50
CA ALA A 540 14.95 -17.72 23.88
C ALA A 540 16.18 -17.27 23.07
N SER A 541 16.06 -16.09 22.43
CA SER A 541 17.01 -15.69 21.39
C SER A 541 18.23 -14.93 21.88
N ASP A 542 19.36 -15.15 21.23
CA ASP A 542 20.53 -14.36 21.47
C ASP A 542 20.37 -12.96 20.88
N ALA A 543 19.88 -12.94 19.64
CA ALA A 543 19.60 -11.66 18.96
C ALA A 543 18.20 -11.82 18.31
N LEU A 544 17.50 -10.70 18.22
CA LEU A 544 16.18 -10.70 17.61
C LEU A 544 16.00 -9.46 16.80
N VAL A 545 15.50 -9.63 15.60
CA VAL A 545 15.30 -8.56 14.65
C VAL A 545 13.83 -8.56 14.20
N ALA A 546 13.17 -7.42 14.32
CA ALA A 546 11.86 -7.18 13.73
C ALA A 546 12.08 -6.72 12.28
N ALA A 547 11.76 -7.63 11.33
CA ALA A 547 11.95 -7.35 9.91
C ALA A 547 10.72 -6.94 9.20
N TRP A 548 9.61 -6.82 9.90
CA TRP A 548 8.35 -6.48 9.31
C TRP A 548 8.01 -7.38 8.13
N LEU A 549 7.55 -6.79 7.02
CA LEU A 549 7.24 -7.53 5.79
C LEU A 549 8.13 -7.04 4.68
N PRO A 550 9.36 -7.58 4.61
CA PRO A 550 10.40 -6.83 3.87
C PRO A 550 10.35 -6.89 2.36
N GLY A 551 9.46 -7.72 1.81
CA GLY A 551 9.33 -7.79 0.38
C GLY A 551 10.15 -8.85 -0.31
N SER A 552 10.35 -8.61 -1.61
CA SER A 552 10.97 -9.62 -2.45
C SER A 552 12.53 -9.71 -2.21
N GLU A 553 13.16 -8.70 -1.66
CA GLU A 553 14.63 -8.66 -1.60
C GLU A 553 15.18 -9.04 -0.28
N GLY A 554 15.19 -10.33 -0.03
CA GLY A 554 15.64 -10.87 1.22
C GLY A 554 17.09 -10.58 1.54
N GLN A 555 17.94 -10.22 0.58
CA GLN A 555 19.34 -9.83 0.88
C GLN A 555 19.41 -8.55 1.76
N GLY A 556 18.33 -7.78 1.82
CA GLY A 556 18.27 -6.66 2.76
C GLY A 556 18.42 -7.14 4.20
N VAL A 557 17.90 -8.33 4.51
CA VAL A 557 17.98 -8.90 5.84
C VAL A 557 19.41 -9.33 6.11
N THR A 558 20.02 -10.07 5.21
CA THR A 558 21.39 -10.54 5.39
C THR A 558 22.41 -9.42 5.32
N ASP A 559 22.12 -8.35 4.55
CA ASP A 559 23.02 -7.21 4.57
C ASP A 559 23.27 -6.69 5.97
N ALA A 560 22.28 -6.71 6.83
CA ALA A 560 22.51 -6.28 8.22
C ALA A 560 22.99 -7.44 9.08
N LEU A 561 22.46 -8.63 8.89
CA LEU A 561 22.87 -9.74 9.76
C LEU A 561 24.39 -9.97 9.68
N PHE A 562 25.01 -9.82 8.50
CA PHE A 562 26.42 -10.12 8.31
C PHE A 562 27.28 -8.86 8.30
N GLY A 563 26.66 -7.77 8.64
CA GLY A 563 27.43 -6.54 8.94
C GLY A 563 27.93 -5.73 7.70
N ASP A 564 27.38 -6.00 6.51
CA ASP A 564 27.69 -5.15 5.37
C ASP A 564 27.20 -3.73 5.66
N PHE A 565 26.11 -3.60 6.41
CA PHE A 565 25.63 -2.30 6.90
C PHE A 565 25.21 -2.46 8.35
N GLY A 566 25.19 -1.37 9.09
CA GLY A 566 24.70 -1.42 10.44
C GLY A 566 23.20 -1.36 10.53
N PHE A 567 22.67 -1.86 11.62
CA PHE A 567 21.22 -1.65 11.94
C PHE A 567 20.96 -0.23 12.29
N THR A 568 19.94 0.35 11.70
CA THR A 568 19.53 1.74 11.93
C THR A 568 18.04 1.93 12.18
N GLY A 569 17.22 0.94 11.86
CA GLY A 569 15.75 1.04 11.97
C GLY A 569 15.35 1.34 13.42
N ARG A 570 14.28 2.12 13.61
CA ARG A 570 13.69 2.39 14.92
C ARG A 570 12.25 2.08 14.91
N LEU A 571 11.71 1.51 15.99
CA LEU A 571 10.28 1.18 16.04
C LEU A 571 9.36 2.30 15.63
N PRO A 572 8.49 2.08 14.60
CA PRO A 572 7.52 3.11 14.21
C PRO A 572 6.22 2.96 14.97
N ARG A 573 6.16 1.93 15.80
CA ARG A 573 4.98 1.67 16.66
C ARG A 573 5.49 1.35 18.05
N THR A 574 4.60 1.53 19.03
CA THR A 574 4.86 1.02 20.35
C THR A 574 4.79 -0.52 20.36
N TRP A 575 5.71 -1.18 21.04
CA TRP A 575 5.63 -2.61 21.25
C TRP A 575 5.01 -2.85 22.64
N PHE A 576 3.81 -3.39 22.62
CA PHE A 576 3.06 -3.67 23.85
C PHE A 576 3.69 -4.79 24.66
N LYS A 577 3.45 -4.75 25.97
CA LYS A 577 3.70 -5.93 26.76
C LYS A 577 2.61 -7.01 26.65
N SER A 578 1.34 -6.59 26.51
CA SER A 578 0.24 -7.49 26.48
C SER A 578 -0.87 -6.92 25.59
N VAL A 579 -1.66 -7.76 24.93
CA VAL A 579 -2.76 -7.25 24.11
C VAL A 579 -3.85 -6.61 24.96
N ASP A 580 -3.83 -6.94 26.26
CA ASP A 580 -4.81 -6.34 27.20
C ASP A 580 -4.56 -4.90 27.38
N GLN A 581 -3.33 -4.45 27.04
CA GLN A 581 -3.04 -3.03 27.06
C GLN A 581 -3.68 -2.18 25.98
N LEU A 582 -4.06 -2.85 24.91
CA LEU A 582 -4.39 -2.10 23.67
C LEU A 582 -5.80 -1.49 23.70
N PRO A 583 -6.04 -0.33 23.02
CA PRO A 583 -4.95 0.40 22.30
C PRO A 583 -4.03 1.10 23.23
N MET A 584 -2.77 1.22 22.87
CA MET A 584 -1.76 1.93 23.67
C MET A 584 -0.74 2.55 22.75
N ASN A 585 -0.81 3.87 22.57
CA ASN A 585 0.06 4.60 21.66
C ASN A 585 0.87 5.59 22.41
N VAL A 586 1.93 6.09 21.78
CA VAL A 586 2.79 7.14 22.36
C VAL A 586 1.84 8.29 22.77
N GLY A 587 2.10 8.84 23.96
CA GLY A 587 1.18 9.80 24.58
C GLY A 587 0.05 9.27 25.42
N ASP A 588 -0.11 7.95 25.51
CA ASP A 588 -1.20 7.32 26.28
C ASP A 588 -0.97 7.77 27.74
N ALA A 589 -2.08 7.85 28.47
CA ALA A 589 -2.06 8.16 29.89
C ALA A 589 -1.23 7.12 30.60
N HIS A 590 -1.50 5.85 30.33
CA HIS A 590 -0.86 4.78 31.06
C HIS A 590 0.19 4.05 30.17
N TYR A 591 1.10 4.83 29.61
CA TYR A 591 2.06 4.29 28.56
C TYR A 591 3.09 3.38 29.21
N ASP A 592 2.99 2.07 28.98
CA ASP A 592 3.77 1.06 29.66
C ASP A 592 4.26 0.04 28.61
N PRO A 593 5.12 0.50 27.75
CA PRO A 593 5.51 -0.41 26.62
C PRO A 593 6.58 -1.42 26.97
N LEU A 594 6.61 -2.58 26.28
CA LEU A 594 7.75 -3.40 26.27
C LEU A 594 8.91 -2.68 25.62
N PHE A 595 8.70 -2.09 24.43
CA PHE A 595 9.67 -1.19 23.82
C PHE A 595 8.94 0.05 23.32
N ARG A 596 9.47 1.21 23.69
CA ARG A 596 8.81 2.44 23.30
C ARG A 596 8.95 2.71 21.77
N LEU A 597 7.98 3.45 21.24
CA LEU A 597 8.07 4.00 19.88
C LEU A 597 9.49 4.65 19.77
N GLY A 598 10.24 4.39 18.68
CA GLY A 598 11.57 4.96 18.46
C GLY A 598 12.73 4.08 18.95
N TYR A 599 12.44 2.99 19.71
CA TYR A 599 13.46 2.05 20.19
C TYR A 599 14.12 1.33 19.02
N GLY A 600 15.42 1.15 19.13
CA GLY A 600 16.16 0.27 18.24
C GLY A 600 17.62 0.29 18.56
N LEU A 601 18.16 -0.90 18.64
CA LEU A 601 19.58 -1.06 18.86
C LEU A 601 20.31 -0.88 17.55
N THR A 602 21.59 -0.56 17.66
CA THR A 602 22.41 -0.39 16.42
C THR A 602 23.60 -1.34 16.38
N THR A 603 24.14 -1.55 15.19
CA THR A 603 25.44 -2.17 15.05
C THR A 603 26.20 -1.26 14.08
N ASN A 604 27.48 -1.55 13.99
CA ASN A 604 28.33 -0.89 13.01
C ASN A 604 28.64 -1.84 11.86
N ALA A 605 28.79 -1.30 10.66
CA ALA A 605 29.27 -2.19 9.55
C ALA A 605 30.60 -2.95 9.89
N THR A 606 30.71 -4.26 9.60
CA THR A 606 32.04 -4.97 9.68
C THR A 606 32.78 -4.92 8.35
O41 6BV B . -10.92 -4.95 -2.81
C41 6BV B . -11.60 -5.68 -1.78
C51 6BV B . -12.68 -6.54 -2.44
C61 6BV B . -12.05 -7.76 -3.13
O61 6BV B . -10.84 -7.35 -3.73
O01 6BV B . -13.59 -7.00 -1.42
C11 6BV B . -14.18 -6.04 -0.53
O11 6BV B . -15.02 -6.74 0.37
C21 6BV B . -13.06 -5.37 0.24
O21 6BV B . -13.49 -4.37 1.11
C31 6BV B . -12.16 -4.69 -0.78
S12 6BV B . -10.86 -3.66 -0.09
C12 6BV B . -10.74 -2.20 -1.03
O02 6BV B . -10.26 -2.18 -2.40
C52 6BV B . -9.75 -1.12 -3.11
C62 6BV B . -9.32 -1.50 -4.57
O62 6BV B . -8.66 -2.74 -4.59
C42 6BV B . -8.42 -0.65 -2.41
O42 6BV B . -7.66 0.33 -3.03
C32 6BV B . -8.77 -0.32 -0.93
O32 6BV B . -7.56 0.08 -0.16
C22 6BV B . -9.54 -1.46 -0.31
O22 6BV B . -10.05 -1.04 0.99
OH2 1PE C . -7.96 16.72 -33.65
C12 1PE C . -8.72 17.84 -33.26
C22 1PE C . -8.06 19.11 -33.69
OH3 1PE C . -7.94 19.96 -32.56
C13 1PE C . -5.41 19.89 -32.77
C23 1PE C . -6.67 19.73 -31.89
OH4 1PE C . -4.36 20.51 -32.05
C15 1PE D . 19.63 -7.45 29.08
C25 1PE D . 20.41 -7.65 30.37
OH6 1PE D . 20.27 -8.03 27.92
C16 1PE D . 21.98 -6.19 28.24
C26 1PE D . 21.39 -7.31 27.36
OH7 1PE D . 23.22 -5.73 27.71
OH2 1PE E . -5.29 25.51 -16.58
C12 1PE E . -4.07 25.55 -15.87
C22 1PE E . -2.92 25.60 -16.84
OH3 1PE E . -2.83 24.33 -17.52
C13 1PE E . -0.63 25.11 -18.26
C23 1PE E . -1.71 24.03 -18.33
OH4 1PE E . -1.17 26.34 -18.70
OH2 1PE F . -24.72 10.07 -25.10
OH2 1PE F . -27.42 10.66 -24.83
C12 1PE F . -25.98 9.51 -25.48
C12 1PE F . -26.34 9.73 -25.29
C22 1PE F . -26.55 8.29 -24.85
OH3 1PE F . -25.99 7.18 -25.33
C13 1PE F . -25.66 5.68 -26.93
C23 1PE F . -25.91 7.16 -26.82
OH2 1PE G . 22.62 3.22 1.98
C12 1PE G . 23.63 3.62 2.91
C22 1PE G . 22.97 4.01 4.20
OH3 1PE G . 22.79 5.46 4.26
C13 1PE G . 22.55 7.48 2.84
C23 1PE G . 21.93 6.16 3.33
OH2 1PE H . -9.82 25.30 -9.44
C12 1PE H . -8.72 26.22 -9.59
C22 1PE H . -8.11 26.07 -10.98
OH3 1PE H . -6.94 26.91 -11.08
C13 1PE H . -4.87 27.27 -12.37
C23 1PE H . -6.40 27.18 -12.40
OH2 1PE I . 10.20 10.03 9.92
C12 1PE I . 10.88 10.81 9.07
C22 1PE I . 10.84 12.06 9.96
OH3 1PE I . 11.03 13.31 9.28
C23 1PE I . 11.80 14.32 9.93
C22 1PE J . -8.23 10.26 24.89
OH3 1PE J . -8.39 8.89 24.47
C13 1PE J . -7.32 6.92 25.72
C23 1PE J . -8.56 7.85 25.48
OH4 1PE J . -6.64 7.14 26.98
C14 1PE J . -5.09 9.05 27.02
C24 1PE J . -5.21 7.50 27.02
OH5 1PE J . -4.54 9.79 25.88
C15 1PE J . -4.23 12.23 25.33
C25 1PE J . -5.19 11.08 25.62
OH6 1PE J . -2.90 11.93 25.80
OH2 1PE K . -32.65 6.69 4.03
OH2 1PE K . -30.78 5.14 5.18
C12 1PE K . -32.64 5.46 3.28
C12 1PE K . -31.88 5.56 4.39
C22 1PE K . -31.59 4.62 3.99
C22 1PE K . -32.60 4.34 3.81
OH3 1PE K . -31.68 3.31 3.42
C13 1PE K . -31.04 2.35 5.84
C23 1PE K . -31.43 2.18 4.32
OH4 1PE K . -29.76 1.80 6.25
C24 1PE K . -29.28 2.44 7.45
OH2 1PE L . 1.49 10.88 17.75
C12 1PE L . 1.15 12.24 17.44
C22 1PE L . 2.31 13.22 17.73
OH3 1PE L . 1.94 14.60 17.41
C23 1PE L . 2.69 15.66 18.07
OH2 1PE M . 22.17 -4.42 -12.43
OH2 1PE M . 20.86 -2.38 -10.18
C12 1PE M . 21.72 -3.15 -12.21
C12 1PE M . 21.06 -2.67 -11.52
C22 1PE M . 22.25 -2.70 -10.94
C22 1PE M . 22.24 -3.58 -11.77
OH3 1PE M . 23.09 -1.71 -11.39
OH3 1PE M . 23.25 -2.77 -12.34
C13 1PE M . 24.34 -0.03 -10.39
C13 1PE M . 25.46 -1.87 -11.94
C23 1PE M . 22.99 -0.61 -10.54
C23 1PE M . 24.50 -2.96 -11.74
OH4 1PE M . 25.39 -0.89 -10.88
C14 1PE M . 26.68 1.10 -9.86
C24 1PE M . 26.66 -0.22 -10.67
OH5 1PE M . 26.12 2.25 -10.54
C15 1PE M . 25.76 4.65 -10.52
C25 1PE M . 26.57 3.50 -9.94
OH6 1PE M . 24.37 4.28 -10.49
C1 GOL N . 3.54 -15.19 20.21
O1 GOL N . 4.17 -14.11 19.52
C2 GOL N . 4.45 -16.32 20.65
O2 GOL N . 4.23 -16.46 22.03
C3 GOL N . 5.89 -15.99 20.43
O3 GOL N . 6.22 -15.29 21.61
C1 GOL O . -24.76 17.27 -26.46
O1 GOL O . -25.56 17.17 -25.29
C2 GOL O . -23.98 18.54 -26.23
O2 GOL O . -24.37 19.18 -24.97
C3 GOL O . -24.13 19.34 -27.47
O3 GOL O . -23.29 20.52 -27.47
C1 GOL P . -10.08 -0.03 5.89
O1 GOL P . -10.42 -1.21 5.14
C2 GOL P . -10.49 1.32 5.24
O2 GOL P . -11.46 1.89 6.04
C3 GOL P . -10.96 1.01 3.83
O3 GOL P . -11.94 1.94 3.33
C1 GOL Q . 15.63 -11.35 -7.03
O1 GOL Q . 15.81 -10.99 -5.67
C2 GOL Q . 16.92 -11.42 -7.84
O2 GOL Q . 18.10 -11.02 -7.19
C3 GOL Q . 16.80 -10.72 -9.19
O3 GOL Q . 18.03 -10.24 -9.76
S SO4 R . 6.06 13.32 -21.02
O1 SO4 R . 6.33 13.33 -22.49
O2 SO4 R . 4.86 12.46 -20.82
O3 SO4 R . 5.89 14.67 -20.35
O4 SO4 R . 7.13 12.58 -20.31
S SO4 S . -20.97 -8.40 -7.23
O1 SO4 S . -20.62 -6.95 -7.18
O2 SO4 S . -20.86 -8.89 -8.64
O3 SO4 S . -22.37 -8.57 -6.79
O4 SO4 S . -20.14 -9.29 -6.38
S SO4 T . -28.93 22.19 -11.94
O1 SO4 T . -28.96 22.89 -13.26
O2 SO4 T . -29.57 20.77 -12.16
O3 SO4 T . -29.57 23.00 -10.81
O4 SO4 T . -27.47 22.41 -11.49
N1 EPE U . 16.21 6.97 -7.79
C2 EPE U . 14.89 6.45 -7.63
C3 EPE U . 14.71 5.04 -7.91
N4 EPE U . 15.85 4.25 -8.17
C5 EPE U . 17.23 4.80 -8.29
C6 EPE U . 17.37 6.30 -8.32
C7 EPE U . 15.46 2.83 -8.32
C8 EPE U . 16.49 2.56 -9.30
O8 EPE U . 16.27 3.16 -10.63
C9 EPE U . 16.32 8.32 -7.42
C10 EPE U . 16.56 9.07 -8.70
S EPE U . 17.28 10.41 -8.11
O1S EPE U . 16.16 11.10 -7.38
O2S EPE U . 17.82 11.25 -9.21
O3S EPE U . 18.36 9.84 -7.23
N1 EPE V . 6.12 17.20 8.87
C2 EPE V . 6.73 16.05 9.66
C3 EPE V . 6.82 16.42 11.21
N4 EPE V . 5.74 17.42 11.63
C5 EPE V . 4.93 18.10 10.62
C6 EPE V . 5.88 18.48 9.54
C7 EPE V . 5.47 17.81 13.07
C8 EPE V . 4.06 18.39 13.34
O8 EPE V . 3.58 18.44 14.75
C9 EPE V . 5.66 17.19 7.46
C10 EPE V . 6.85 17.45 6.56
S EPE V . 6.62 17.07 4.90
O1S EPE V . 7.30 15.87 4.39
O2S EPE V . 7.05 18.25 4.03
O3S EPE V . 5.27 16.56 4.63
N1 EPE W . -3.10 7.55 23.45
C2 EPE W . -1.81 8.11 23.28
C3 EPE W . -1.74 9.21 22.25
N4 EPE W . -2.47 10.42 22.74
C5 EPE W . -3.56 9.99 23.59
C6 EPE W . -4.15 8.58 23.54
C7 EPE W . -2.09 11.82 22.20
C8 EPE W . -2.40 13.26 22.83
O8 EPE W . -3.59 13.91 22.22
C9 EPE W . -3.41 6.11 23.43
C10 EPE W . -4.02 5.85 21.97
S EPE W . -5.57 6.18 21.36
O1S EPE W . -5.74 7.68 21.30
O2S EPE W . -5.94 5.83 19.91
O3S EPE W . -6.59 5.57 22.31
C ACT X . 14.58 5.74 -11.19
O ACT X . 15.63 5.47 -11.84
OXT ACT X . 13.81 4.84 -10.56
CH3 ACT X . 14.40 7.25 -11.19
C ACT Y . -6.36 16.48 24.57
O ACT Y . -5.31 17.05 24.20
OXT ACT Y . -6.42 15.29 25.01
CH3 ACT Y . -7.63 17.27 24.47
#